data_2C4C
#
_entry.id   2C4C
#
_cell.length_a   75.709
_cell.length_b   89.915
_cell.length_c   83.573
_cell.angle_alpha   90.00
_cell.angle_beta   113.82
_cell.angle_gamma   90.00
#
_symmetry.space_group_name_H-M   'P 1 21 1'
#
loop_
_entity.id
_entity.type
_entity.pdbx_description
1 polymer 'NEDD9-INTERACTING PROTEIN WITH CALPONIN HOMOLOGY AND LIM DOMAINS'
2 non-polymer 'FLAVIN-ADENINE DINUCLEOTIDE'
3 non-polymer 'CHLORIDE ION'
4 water water
#
_entity_poly.entity_id   1
_entity_poly.type   'polypeptide(L)'
_entity_poly.pdbx_seq_one_letter_code
;MAHHHHHHMASPASTNPAHDHFETFVQAQLCQDVLSSFQGLCRALGVESGGGLSQYHKIKAQLNYWSAKSLWAKLDKRAS
QPVYQQGQACTNTKCLVVGAGPCGLRAAVELALLGARVVLVEKRIKFSRHNVLHLWPFTIHDLRALGAKKFYGRFCTGTL
DHISIRQLQLLLLKVALLLGVEIHWGVKFTGLQPPPRKGSGWRAQLQPNPPAQLASYEFDVLISAAGGKFVPEGFTIREM
RGKLAIGITANFVNGRTVEETQVPEISGVARIYNQKFFQSLLKATGIDLENIVYYKDETHYFVMTAKKQCLLRLGVLRQD
LSETDQLLGKANVVPEALQRFARAAADFATHGKLGKLEFAQDARGRPDVAAFDFTSMMRAESSARVQEKHGARLLLGLVG
DCLVEPFWPLGTGVARGFLAAFDAAWMVKRWAEGAGPLEVLAERESLYQLLSQTSPENMHRNVAQYGLDPATRYPNLNLR
AVTPNQVQDLYDMMDKE
;
_entity_poly.pdbx_strand_id   A,B
#
loop_
_chem_comp.id
_chem_comp.type
_chem_comp.name
_chem_comp.formula
CL non-polymer 'CHLORIDE ION' 'Cl -1'
FAD non-polymer 'FLAVIN-ADENINE DINUCLEOTIDE' 'C27 H33 N9 O15 P2'
#
# COMPACT_ATOMS: atom_id res chain seq x y z
N THR A 15 32.81 34.65 35.27
CA THR A 15 31.91 33.85 34.38
C THR A 15 32.25 32.36 34.38
N ASN A 16 31.36 31.56 33.79
CA ASN A 16 31.48 30.12 33.79
C ASN A 16 30.92 29.55 32.49
N PRO A 17 31.77 29.35 31.47
CA PRO A 17 31.34 28.84 30.16
C PRO A 17 30.34 27.69 30.26
N ALA A 18 30.60 26.74 31.16
CA ALA A 18 29.71 25.60 31.38
C ALA A 18 28.30 26.05 31.78
N HIS A 19 28.22 26.98 32.72
CA HIS A 19 26.94 27.56 33.15
C HIS A 19 26.24 28.26 31.99
N ASP A 20 26.99 29.05 31.23
CA ASP A 20 26.46 29.81 30.09
C ASP A 20 25.99 28.90 28.96
N HIS A 21 26.79 27.91 28.60
CA HIS A 21 26.44 26.98 27.51
C HIS A 21 25.20 26.15 27.80
N PHE A 22 25.06 25.67 29.03
CA PHE A 22 23.88 24.91 29.44
C PHE A 22 22.61 25.74 29.30
N GLU A 23 22.70 27.02 29.65
CA GLU A 23 21.53 27.89 29.68
C GLU A 23 21.03 28.33 28.31
N THR A 24 21.94 28.56 27.36
CA THR A 24 21.52 28.83 25.98
C THR A 24 21.07 27.53 25.31
N PHE A 25 21.69 26.42 25.70
CA PHE A 25 21.28 25.09 25.28
C PHE A 25 19.83 24.81 25.67
N VAL A 26 19.48 25.11 26.91
CA VAL A 26 18.12 24.93 27.38
C VAL A 26 17.16 25.87 26.67
N GLN A 27 17.58 27.13 26.49
CA GLN A 27 16.74 28.15 25.87
C GLN A 27 16.62 28.00 24.35
N ALA A 28 17.51 27.22 23.75
CA ALA A 28 17.59 27.07 22.29
C ALA A 28 16.25 26.78 21.62
N GLN A 29 15.97 27.51 20.54
CA GLN A 29 14.74 27.36 19.77
C GLN A 29 15.01 26.86 18.35
N LEU A 30 16.29 26.75 18.00
CA LEU A 30 16.71 26.22 16.71
C LEU A 30 17.44 24.89 16.90
N CYS A 31 17.09 23.91 16.07
CA CYS A 31 17.69 22.58 16.15
C CYS A 31 19.21 22.62 15.99
N GLN A 32 19.69 23.43 15.05
CA GLN A 32 21.13 23.61 14.82
C GLN A 32 21.82 24.34 15.97
N ASP A 33 21.01 24.88 16.89
CA ASP A 33 21.55 25.57 18.08
C ASP A 33 21.51 24.72 19.34
N VAL A 34 20.65 23.71 19.34
CA VAL A 34 20.65 22.71 20.42
C VAL A 34 21.99 21.96 20.35
N LEU A 35 22.37 21.58 19.13
CA LEU A 35 23.62 20.85 18.88
C LEU A 35 24.84 21.72 19.15
N SER A 36 24.78 22.97 18.68
CA SER A 36 25.85 23.95 18.85
C SER A 36 26.26 24.14 20.32
N SER A 37 25.35 24.71 21.10
CA SER A 37 25.56 24.97 22.53
C SER A 37 25.88 23.71 23.32
N PHE A 38 25.36 22.57 22.87
CA PHE A 38 25.62 21.29 23.53
C PHE A 38 27.07 20.83 23.38
N GLN A 39 27.60 20.91 22.16
CA GLN A 39 28.99 20.58 21.91
C GLN A 39 29.89 21.48 22.74
N GLY A 40 29.41 22.70 22.98
CA GLY A 40 30.09 23.68 23.82
C GLY A 40 30.05 23.31 25.30
N LEU A 41 28.89 22.84 25.76
CA LEU A 41 28.75 22.36 27.15
C LEU A 41 29.61 21.12 27.38
N CYS A 42 29.64 20.24 26.39
CA CYS A 42 30.49 19.04 26.42
C CYS A 42 31.96 19.42 26.54
N ARG A 43 32.37 20.42 25.75
CA ARG A 43 33.74 20.92 25.76
C ARG A 43 34.09 21.48 27.14
N ALA A 44 33.17 22.27 27.69
CA ALA A 44 33.36 22.93 28.98
C ALA A 44 33.40 21.93 30.13
N LEU A 45 32.62 20.85 30.02
CA LEU A 45 32.58 19.83 31.06
C LEU A 45 33.51 18.65 30.80
N GLY A 46 34.37 18.76 29.78
CA GLY A 46 35.33 17.72 29.43
C GLY A 46 34.67 16.37 29.18
N VAL A 47 33.57 16.40 28.43
CA VAL A 47 32.82 15.20 28.09
C VAL A 47 32.51 15.15 26.60
N GLU A 48 31.97 14.02 26.13
CA GLU A 48 31.58 13.87 24.74
C GLU A 48 30.08 13.65 24.63
N SER A 49 29.52 13.97 23.47
CA SER A 49 28.12 13.72 23.19
C SER A 49 27.94 12.38 22.50
N GLY A 50 26.86 11.69 22.84
CA GLY A 50 26.59 10.36 22.29
C GLY A 50 27.44 9.29 22.94
N GLY A 51 27.77 9.50 24.21
CA GLY A 51 28.55 8.54 24.98
C GLY A 51 27.81 7.96 26.17
N GLY A 52 26.48 7.94 26.08
CA GLY A 52 25.64 7.28 27.08
C GLY A 52 25.54 7.96 28.43
N LEU A 53 25.18 7.17 29.45
CA LEU A 53 24.85 7.68 30.77
C LEU A 53 26.07 8.08 31.60
N SER A 54 27.21 7.44 31.35
CA SER A 54 28.46 7.83 31.99
C SER A 54 28.80 9.28 31.65
N GLN A 55 28.40 9.70 30.45
CA GLN A 55 28.53 11.10 30.03
C GLN A 55 27.46 11.95 30.68
N TYR A 56 26.25 11.41 30.78
CA TYR A 56 25.17 12.11 31.46
C TYR A 56 25.54 12.35 32.92
N HIS A 57 26.06 11.30 33.58
CA HIS A 57 26.43 11.37 35.00
C HIS A 57 27.53 12.38 35.28
N LYS A 58 28.48 12.49 34.34
CA LYS A 58 29.58 13.44 34.46
C LYS A 58 29.09 14.87 34.25
N ILE A 59 28.11 15.04 33.38
CA ILE A 59 27.50 16.34 33.11
C ILE A 59 26.79 16.87 34.36
N LYS A 60 25.83 16.08 34.85
CA LYS A 60 24.95 16.51 35.93
C LYS A 60 25.68 16.87 37.22
N ALA A 61 26.69 16.07 37.56
CA ALA A 61 27.47 16.27 38.78
C ALA A 61 28.18 17.62 38.76
N GLN A 62 28.69 18.00 37.60
CA GLN A 62 29.41 19.27 37.45
C GLN A 62 28.47 20.46 37.25
N LEU A 63 27.19 20.17 37.05
CA LEU A 63 26.16 21.20 36.95
C LEU A 63 25.23 21.14 38.16
N ASN A 64 25.81 20.99 39.34
CA ASN A 64 25.08 20.99 40.59
C ASN A 64 24.79 22.43 41.03
N TYR A 65 23.83 23.06 40.36
CA TYR A 65 23.46 24.45 40.66
C TYR A 65 22.01 24.75 40.30
N TRP A 66 21.42 25.70 41.02
CA TRP A 66 20.02 26.15 40.90
C TRP A 66 19.31 25.90 39.56
N SER A 67 19.97 26.29 38.46
CA SER A 67 19.36 26.25 37.13
C SER A 67 19.30 24.85 36.52
N ALA A 68 19.82 23.85 37.23
CA ALA A 68 19.95 22.50 36.66
C ALA A 68 19.55 21.37 37.60
N LYS A 69 19.62 21.60 38.92
CA LYS A 69 19.44 20.54 39.90
C LYS A 69 18.06 19.88 39.90
N SER A 70 17.02 20.69 39.68
CA SER A 70 15.65 20.17 39.65
C SER A 70 15.41 19.24 38.47
N LEU A 71 16.17 19.45 37.39
CA LEU A 71 16.10 18.63 36.20
C LEU A 71 16.72 17.25 36.42
N TRP A 72 17.83 17.20 37.15
CA TRP A 72 18.51 15.93 37.43
C TRP A 72 17.69 15.05 38.37
N ALA A 73 17.05 15.68 39.34
CA ALA A 73 16.11 14.98 40.24
C ALA A 73 15.01 14.33 39.39
N LYS A 74 14.33 15.15 38.60
CA LYS A 74 13.30 14.68 37.68
C LYS A 74 13.79 13.51 36.83
N LEU A 75 14.89 13.73 36.11
CA LEU A 75 15.48 12.73 35.22
C LEU A 75 15.89 11.45 35.96
N ASP A 76 16.66 11.59 37.03
CA ASP A 76 17.15 10.43 37.79
C ASP A 76 16.03 9.66 38.50
N LYS A 77 15.00 10.37 38.94
CA LYS A 77 13.82 9.74 39.53
C LYS A 77 13.25 8.71 38.56
N ARG A 78 13.14 9.11 37.29
CA ARG A 78 12.76 8.19 36.22
C ARG A 78 13.87 7.20 35.95
N ALA A 79 15.09 7.72 35.77
CA ALA A 79 16.26 6.89 35.42
C ALA A 79 16.48 5.70 36.36
N SER A 80 15.89 5.78 37.55
CA SER A 80 16.06 4.78 38.58
C SER A 80 14.75 4.06 38.96
N GLN A 81 13.73 4.20 38.13
CA GLN A 81 12.51 3.40 38.30
C GLN A 81 12.88 1.92 38.23
N PRO A 82 12.18 1.07 39.00
CA PRO A 82 12.57 -0.34 39.13
C PRO A 82 13.00 -0.99 37.82
N VAL A 83 12.36 -0.60 36.71
CA VAL A 83 12.51 -1.27 35.42
C VAL A 83 13.90 -1.21 34.77
N TYR A 84 14.49 -0.01 34.69
CA TYR A 84 15.75 0.20 33.96
C TYR A 84 16.97 -0.44 34.61
N GLN A 85 16.80 -0.98 35.82
CA GLN A 85 17.89 -1.58 36.60
C GLN A 85 19.02 -0.60 36.86
N GLN A 86 18.66 0.66 37.13
CA GLN A 86 19.62 1.75 37.26
C GLN A 86 20.58 1.79 36.06
N GLY A 87 20.00 1.66 34.86
CA GLY A 87 20.75 1.71 33.60
C GLY A 87 21.67 0.52 33.33
N GLN A 88 21.26 -0.67 33.81
CA GLN A 88 22.07 -1.88 33.64
C GLN A 88 21.42 -2.96 32.79
N ALA A 89 20.12 -2.80 32.54
CA ALA A 89 19.34 -3.80 31.79
C ALA A 89 19.90 -4.06 30.39
N CYS A 90 19.75 -3.09 29.49
CA CYS A 90 20.20 -3.24 28.11
C CYS A 90 21.62 -2.72 27.91
N THR A 91 22.49 -3.06 28.86
CA THR A 91 23.90 -2.64 28.85
C THR A 91 24.73 -3.38 27.81
N ASN A 92 24.19 -4.48 27.28
CA ASN A 92 24.85 -5.25 26.22
C ASN A 92 24.13 -5.16 24.88
N THR A 93 23.33 -4.11 24.70
CA THR A 93 22.52 -3.96 23.50
C THR A 93 22.89 -2.70 22.71
N LYS A 94 23.13 -2.88 21.42
CA LYS A 94 23.44 -1.78 20.52
C LYS A 94 22.23 -1.51 19.64
N CYS A 95 21.71 -0.29 19.71
CA CYS A 95 20.49 0.07 19.01
C CYS A 95 20.72 1.02 17.85
N LEU A 96 19.86 0.90 16.83
CA LEU A 96 19.76 1.92 15.81
C LEU A 96 18.31 2.39 15.79
N VAL A 97 18.12 3.69 16.01
CA VAL A 97 16.79 4.27 15.94
C VAL A 97 16.70 5.16 14.71
N VAL A 98 15.68 4.92 13.89
CA VAL A 98 15.49 5.64 12.65
C VAL A 98 14.39 6.69 12.83
N GLY A 99 14.74 7.95 12.61
CA GLY A 99 13.77 9.03 12.62
C GLY A 99 13.72 9.80 13.93
N ALA A 100 13.90 11.11 13.82
CA ALA A 100 13.86 12.01 14.98
C ALA A 100 12.56 12.80 15.08
N GLY A 101 11.46 12.16 14.71
CA GLY A 101 10.15 12.71 15.03
C GLY A 101 9.93 12.56 16.53
N PRO A 102 8.79 13.07 17.04
CA PRO A 102 8.54 12.96 18.49
C PRO A 102 8.80 11.56 19.05
N CYS A 103 8.18 10.55 18.45
CA CYS A 103 8.25 9.17 18.96
C CYS A 103 9.66 8.56 18.94
N GLY A 104 10.33 8.67 17.79
CA GLY A 104 11.70 8.17 17.63
C GLY A 104 12.61 8.64 18.74
N LEU A 105 12.53 9.94 19.04
CA LEU A 105 13.27 10.53 20.14
C LEU A 105 12.82 9.94 21.48
N ARG A 106 11.52 9.77 21.66
CA ARG A 106 10.98 9.17 22.89
C ARG A 106 11.52 7.76 23.09
N ALA A 107 11.58 7.01 21.99
CA ALA A 107 12.18 5.69 21.97
C ALA A 107 13.64 5.75 22.40
N ALA A 108 14.40 6.65 21.78
CA ALA A 108 15.82 6.85 22.12
C ALA A 108 16.00 7.13 23.61
N VAL A 109 15.23 8.08 24.15
CA VAL A 109 15.21 8.35 25.59
C VAL A 109 15.05 7.06 26.38
N GLU A 110 13.99 6.30 26.05
CA GLU A 110 13.69 5.05 26.76
C GLU A 110 14.84 4.04 26.69
N LEU A 111 15.44 3.92 25.51
CA LEU A 111 16.57 3.02 25.32
C LEU A 111 17.81 3.51 26.07
N ALA A 112 18.08 4.82 25.96
CA ALA A 112 19.17 5.46 26.70
C ALA A 112 19.09 5.12 28.18
N LEU A 113 17.89 5.24 28.76
CA LEU A 113 17.65 4.93 30.16
C LEU A 113 17.84 3.46 30.49
N LEU A 114 17.46 2.57 29.56
CA LEU A 114 17.66 1.12 29.74
C LEU A 114 19.13 0.72 29.70
N GLY A 115 19.96 1.64 29.18
CA GLY A 115 21.40 1.44 29.18
C GLY A 115 21.95 0.94 27.87
N ALA A 116 21.11 0.91 26.84
CA ALA A 116 21.55 0.50 25.51
C ALA A 116 22.38 1.59 24.85
N ARG A 117 23.29 1.17 23.96
CA ARG A 117 23.99 2.08 23.07
C ARG A 117 22.97 2.55 22.06
N VAL A 118 22.81 3.87 21.94
CA VAL A 118 21.77 4.44 21.10
C VAL A 118 22.33 5.32 19.98
N VAL A 119 22.20 4.84 18.75
CA VAL A 119 22.49 5.67 17.59
C VAL A 119 21.19 5.99 16.89
N LEU A 120 20.90 7.28 16.77
CA LEU A 120 19.73 7.76 16.04
C LEU A 120 20.17 8.46 14.76
N VAL A 121 19.62 8.02 13.63
CA VAL A 121 19.84 8.68 12.33
C VAL A 121 18.57 9.40 11.90
N GLU A 122 18.74 10.46 11.11
CA GLU A 122 17.63 11.35 10.74
C GLU A 122 17.92 12.12 9.45
N LYS A 123 17.04 11.97 8.46
CA LYS A 123 17.31 12.43 7.09
C LYS A 123 17.18 13.94 6.87
N ARG A 124 16.45 14.63 7.73
CA ARG A 124 16.39 16.09 7.71
C ARG A 124 17.50 16.68 8.57
N ILE A 125 17.51 18.00 8.70
CA ILE A 125 18.52 18.68 9.50
C ILE A 125 17.92 19.75 10.42
N LYS A 126 16.59 19.89 10.38
CA LYS A 126 15.89 20.84 11.25
C LYS A 126 14.49 20.39 11.66
N PHE A 127 13.89 21.12 12.60
CA PHE A 127 12.48 20.93 12.98
C PHE A 127 11.67 22.13 12.50
N SER A 128 10.92 21.93 11.42
CA SER A 128 10.26 23.05 10.74
C SER A 128 8.72 22.99 10.74
N ARG A 129 8.17 21.92 11.27
CA ARG A 129 6.73 21.74 11.33
C ARG A 129 6.11 22.51 12.48
N HIS A 130 5.06 23.27 12.19
CA HIS A 130 4.39 24.10 13.21
C HIS A 130 3.10 23.48 13.74
N ASN A 131 2.56 22.52 12.99
CA ASN A 131 1.25 21.94 13.26
C ASN A 131 1.05 21.46 14.68
N VAL A 132 0.00 21.97 15.31
CA VAL A 132 -0.27 21.69 16.72
C VAL A 132 -0.87 20.30 16.90
N LEU A 133 -0.44 19.61 17.95
CA LEU A 133 -0.91 18.26 18.25
C LEU A 133 -1.67 18.20 19.57
N HIS A 134 -2.86 17.61 19.53
CA HIS A 134 -3.63 17.37 20.76
C HIS A 134 -2.89 16.38 21.66
N LEU A 135 -3.03 16.55 22.97
CA LEU A 135 -2.30 15.72 23.92
C LEU A 135 -3.19 15.03 24.95
N TRP A 136 -2.83 13.78 25.25
CA TRP A 136 -3.49 12.97 26.25
C TRP A 136 -2.96 13.29 27.64
N PRO A 137 -3.85 13.39 28.64
CA PRO A 137 -3.50 13.58 30.05
C PRO A 137 -2.19 12.89 30.46
N PHE A 138 -2.01 11.64 30.05
CA PHE A 138 -0.83 10.85 30.42
C PHE A 138 0.46 11.29 29.73
N THR A 139 0.36 11.68 28.47
CA THR A 139 1.52 12.17 27.72
C THR A 139 1.97 13.52 28.27
N ILE A 140 1.00 14.39 28.54
CA ILE A 140 1.22 15.69 29.17
C ILE A 140 2.11 15.52 30.42
N HIS A 141 1.74 14.59 31.27
CA HIS A 141 2.48 14.34 32.51
C HIS A 141 3.85 13.72 32.23
N ASP A 142 3.91 12.80 31.28
CA ASP A 142 5.18 12.15 30.92
C ASP A 142 6.24 13.19 30.56
N LEU A 143 5.86 14.15 29.71
CA LEU A 143 6.76 15.21 29.29
C LEU A 143 7.19 16.08 30.47
N ARG A 144 6.22 16.42 31.33
CA ARG A 144 6.48 17.18 32.54
C ARG A 144 7.55 16.50 33.41
N ALA A 145 7.46 15.17 33.50
CA ALA A 145 8.39 14.38 34.30
C ALA A 145 9.77 14.26 33.65
N LEU A 146 9.82 14.48 32.33
CA LEU A 146 11.07 14.53 31.59
C LEU A 146 11.69 15.94 31.57
N GLY A 147 11.16 16.81 32.42
CA GLY A 147 11.66 18.18 32.55
C GLY A 147 11.22 19.13 31.46
N ALA A 148 10.01 18.92 30.94
CA ALA A 148 9.46 19.77 29.88
C ALA A 148 9.33 21.23 30.27
N LYS A 149 9.11 21.48 31.55
CA LYS A 149 8.85 22.84 32.01
C LYS A 149 10.10 23.73 31.98
N LYS A 150 11.27 23.10 32.08
CA LYS A 150 12.53 23.83 31.96
C LYS A 150 12.89 24.05 30.48
N PHE A 151 12.63 23.03 29.65
CA PHE A 151 13.00 23.08 28.23
C PHE A 151 12.02 23.88 27.37
N TYR A 152 10.83 24.14 27.90
CA TYR A 152 9.78 24.83 27.15
C TYR A 152 8.90 25.64 28.09
N GLY A 153 8.84 26.94 27.82
CA GLY A 153 8.15 27.89 28.69
C GLY A 153 6.64 27.77 28.68
N ARG A 154 6.05 27.79 27.48
CA ARG A 154 4.60 27.82 27.30
C ARG A 154 4.01 26.41 27.16
N PHE A 155 4.50 25.49 27.99
CA PHE A 155 4.11 24.07 27.91
C PHE A 155 2.72 23.79 28.48
N CYS A 156 1.87 23.16 27.66
CA CYS A 156 0.48 22.83 28.00
C CYS A 156 -0.12 23.90 28.90
N THR A 157 -0.05 25.14 28.43
CA THR A 157 -0.15 26.31 29.27
C THR A 157 -1.59 26.72 29.61
N GLY A 158 -1.98 26.45 30.86
CA GLY A 158 -3.35 26.60 31.33
C GLY A 158 -4.04 25.25 31.31
N THR A 159 -5.33 25.25 31.03
CA THR A 159 -6.08 24.00 30.81
C THR A 159 -5.73 23.41 29.44
N LEU A 160 -4.86 24.10 28.70
CA LEU A 160 -4.41 23.68 27.39
C LEU A 160 -3.63 22.37 27.43
N ASP A 161 -3.91 21.52 26.44
CA ASP A 161 -3.23 20.23 26.33
C ASP A 161 -2.77 19.99 24.90
N HIS A 162 -1.91 20.90 24.41
CA HIS A 162 -1.33 20.75 23.08
C HIS A 162 0.06 21.36 22.93
N ILE A 163 0.96 20.55 22.38
CA ILE A 163 2.32 20.96 22.03
C ILE A 163 2.38 21.07 20.50
N SER A 164 3.26 21.91 19.98
CA SER A 164 3.53 21.89 18.54
C SER A 164 4.62 20.85 18.25
N ILE A 165 4.60 20.31 17.04
CA ILE A 165 5.51 19.21 16.64
C ILE A 165 6.96 19.52 16.96
N ARG A 166 7.42 20.69 16.53
CA ARG A 166 8.82 21.06 16.70
C ARG A 166 9.16 21.36 18.16
N GLN A 167 8.25 22.00 18.87
CA GLN A 167 8.44 22.28 20.31
C GLN A 167 8.60 20.99 21.08
N LEU A 168 7.81 19.99 20.69
CA LEU A 168 7.94 18.65 21.24
C LEU A 168 9.31 18.05 20.88
N GLN A 169 9.65 18.10 19.59
CA GLN A 169 10.94 17.58 19.12
C GLN A 169 12.15 18.25 19.78
N LEU A 170 12.11 19.58 19.91
CA LEU A 170 13.18 20.32 20.58
C LEU A 170 13.33 19.81 22.00
N LEU A 171 12.23 19.90 22.76
CA LEU A 171 12.17 19.42 24.13
C LEU A 171 12.72 18.01 24.27
N LEU A 172 12.26 17.10 23.42
CA LEU A 172 12.73 15.71 23.48
C LEU A 172 14.20 15.57 23.10
N LEU A 173 14.62 16.26 22.04
CA LEU A 173 16.01 16.22 21.58
C LEU A 173 17.00 16.55 22.69
N LYS A 174 16.71 17.63 23.42
CA LYS A 174 17.54 18.08 24.54
C LYS A 174 17.73 16.96 25.56
N VAL A 175 16.69 16.15 25.76
CA VAL A 175 16.75 15.02 26.69
C VAL A 175 17.56 13.87 26.08
N ALA A 176 17.25 13.53 24.82
CA ALA A 176 18.03 12.54 24.08
C ALA A 176 19.53 12.81 24.21
N LEU A 177 19.93 14.05 23.97
CA LEU A 177 21.33 14.45 24.08
C LEU A 177 21.88 14.32 25.51
N LEU A 178 21.12 14.80 26.48
CA LEU A 178 21.49 14.72 27.89
C LEU A 178 21.72 13.27 28.35
N LEU A 179 20.80 12.38 27.95
CA LEU A 179 20.91 10.96 28.27
C LEU A 179 21.87 10.23 27.32
N GLY A 180 22.62 10.99 26.53
CA GLY A 180 23.78 10.48 25.80
C GLY A 180 23.52 9.75 24.49
N VAL A 181 22.36 9.98 23.89
CA VAL A 181 22.05 9.42 22.57
C VAL A 181 22.98 10.03 21.53
N GLU A 182 23.59 9.19 20.71
CA GLU A 182 24.38 9.63 19.57
C GLU A 182 23.43 9.94 18.41
N ILE A 183 23.39 11.20 18.00
CA ILE A 183 22.52 11.59 16.89
C ILE A 183 23.31 12.01 15.65
N HIS A 184 22.93 11.42 14.53
CA HIS A 184 23.47 11.79 13.23
C HIS A 184 22.34 12.35 12.39
N TRP A 185 22.60 13.51 11.77
CA TRP A 185 21.61 14.22 10.97
C TRP A 185 21.93 14.07 9.50
N GLY A 186 21.04 14.57 8.65
CA GLY A 186 21.20 14.48 7.20
C GLY A 186 21.65 13.11 6.72
N VAL A 187 21.08 12.07 7.33
CA VAL A 187 21.35 10.69 6.89
C VAL A 187 20.10 9.84 6.80
N LYS A 188 19.93 9.20 5.65
CA LYS A 188 18.73 8.45 5.35
C LYS A 188 18.97 6.96 5.56
N PHE A 189 18.13 6.34 6.38
CA PHE A 189 18.09 4.89 6.48
C PHE A 189 17.50 4.35 5.20
N THR A 190 18.17 3.38 4.58
CA THR A 190 17.61 2.74 3.39
C THR A 190 17.29 1.26 3.66
N GLY A 191 18.16 0.59 4.39
CA GLY A 191 18.02 -0.85 4.62
C GLY A 191 19.14 -1.43 5.46
N LEU A 192 19.35 -2.74 5.30
CA LEU A 192 20.26 -3.46 6.18
C LEU A 192 21.33 -4.24 5.43
N GLN A 193 22.52 -4.30 6.04
CA GLN A 193 23.61 -5.13 5.55
C GLN A 193 23.57 -6.44 6.32
N PRO A 194 23.20 -7.54 5.63
CA PRO A 194 23.27 -8.85 6.27
C PRO A 194 24.69 -9.17 6.74
N PRO A 195 24.84 -9.73 7.95
CA PRO A 195 26.16 -10.13 8.44
C PRO A 195 26.75 -11.20 7.52
N PRO A 196 27.86 -10.86 6.84
CA PRO A 196 28.39 -11.72 5.77
C PRO A 196 28.94 -13.07 6.23
N ARG A 197 29.35 -13.17 7.50
CA ARG A 197 30.00 -14.38 8.00
C ARG A 197 29.65 -14.77 9.44
N LYS A 198 30.03 -16.00 9.80
CA LYS A 198 29.95 -16.49 11.17
C LYS A 198 30.94 -15.72 12.05
N GLY A 199 30.51 -14.56 12.53
CA GLY A 199 31.36 -13.69 13.34
C GLY A 199 31.18 -12.22 13.01
N SER A 200 29.98 -11.87 12.53
CA SER A 200 29.64 -10.49 12.22
C SER A 200 28.31 -10.09 12.87
N GLY A 201 27.88 -8.87 12.62
CA GLY A 201 26.59 -8.38 13.10
C GLY A 201 25.87 -7.56 12.05
N TRP A 202 24.65 -7.14 12.36
CA TRP A 202 23.86 -6.35 11.42
C TRP A 202 24.29 -4.90 11.39
N ARG A 203 24.54 -4.39 10.18
CA ARG A 203 24.87 -2.99 9.97
C ARG A 203 23.86 -2.33 9.04
N ALA A 204 23.69 -1.01 9.18
CA ALA A 204 22.72 -0.26 8.38
C ALA A 204 23.24 0.09 6.98
N GLN A 205 22.35 0.69 6.18
CA GLN A 205 22.67 1.11 4.82
C GLN A 205 22.15 2.54 4.66
N LEU A 206 23.07 3.50 4.61
CA LEU A 206 22.73 4.92 4.81
C LEU A 206 23.12 5.86 3.66
N GLN A 207 22.40 6.98 3.55
CA GLN A 207 22.58 7.94 2.46
C GLN A 207 22.41 9.39 2.91
N PRO A 208 23.23 10.32 2.38
CA PRO A 208 24.41 10.09 1.55
C PRO A 208 25.58 9.69 2.43
N ASN A 209 26.58 9.01 1.84
CA ASN A 209 27.68 8.38 2.58
C ASN A 209 27.96 8.87 4.01
N PRO A 210 27.58 8.06 5.00
CA PRO A 210 27.68 8.37 6.43
C PRO A 210 29.13 8.44 6.94
N PRO A 211 29.34 9.04 8.13
CA PRO A 211 30.68 9.11 8.74
C PRO A 211 31.24 7.74 9.14
N ALA A 212 32.56 7.61 9.04
CA ALA A 212 33.31 6.35 9.20
C ALA A 212 32.73 5.33 10.19
N GLN A 213 32.51 5.76 11.43
CA GLN A 213 32.04 4.84 12.48
C GLN A 213 30.61 4.35 12.21
N LEU A 214 29.72 5.28 11.87
CA LEU A 214 28.29 4.99 11.67
C LEU A 214 28.07 3.88 10.64
N ALA A 215 28.85 3.90 9.57
CA ALA A 215 28.77 2.89 8.52
C ALA A 215 29.18 1.51 9.04
N SER A 216 30.03 1.50 10.06
CA SER A 216 30.54 0.25 10.64
C SER A 216 29.88 -0.10 11.97
N TYR A 217 28.98 0.79 12.43
CA TYR A 217 28.24 0.59 13.67
C TYR A 217 27.34 -0.64 13.56
N GLU A 218 27.64 -1.65 14.37
CA GLU A 218 26.85 -2.88 14.39
C GLU A 218 25.83 -2.80 15.52
N PHE A 219 24.70 -3.48 15.34
CA PHE A 219 23.57 -3.37 16.26
C PHE A 219 22.61 -4.53 16.12
N ASP A 220 21.98 -4.90 17.23
CA ASP A 220 20.99 -5.98 17.24
C ASP A 220 19.55 -5.49 17.39
N VAL A 221 19.38 -4.21 17.74
CA VAL A 221 18.03 -3.65 17.85
C VAL A 221 17.84 -2.45 16.91
N LEU A 222 16.96 -2.62 15.93
CA LEU A 222 16.58 -1.54 15.04
C LEU A 222 15.14 -1.14 15.31
N ILE A 223 14.97 0.06 15.85
CA ILE A 223 13.65 0.64 16.06
C ILE A 223 13.45 1.76 15.04
N SER A 224 12.50 1.58 14.13
CA SER A 224 12.22 2.60 13.12
C SER A 224 10.94 3.36 13.43
N ALA A 225 11.11 4.66 13.64
CA ALA A 225 10.01 5.60 13.86
C ALA A 225 10.07 6.65 12.77
N ALA A 226 10.19 6.16 11.53
CA ALA A 226 10.39 6.99 10.34
C ALA A 226 9.09 7.49 9.69
N GLY A 227 8.06 7.68 10.51
CA GLY A 227 6.80 8.28 10.05
C GLY A 227 5.95 7.38 9.19
N GLY A 228 4.75 7.84 8.86
CA GLY A 228 3.77 7.04 8.14
C GLY A 228 4.24 6.43 6.83
N LYS A 229 4.94 7.23 6.03
CA LYS A 229 5.24 6.88 4.65
C LYS A 229 6.34 5.84 4.43
N PHE A 230 7.12 5.55 5.48
CA PHE A 230 8.22 4.59 5.32
C PHE A 230 7.82 3.13 5.56
N VAL A 231 7.98 2.31 4.53
CA VAL A 231 7.70 0.87 4.59
C VAL A 231 9.00 0.07 4.81
N PRO A 232 9.28 -0.35 6.06
CA PRO A 232 10.49 -1.10 6.39
C PRO A 232 10.40 -2.57 6.00
N GLU A 233 11.37 -3.01 5.19
CA GLU A 233 11.45 -4.36 4.61
C GLU A 233 11.05 -5.49 5.56
N GLY A 234 10.22 -6.41 5.07
CA GLY A 234 9.79 -7.58 5.84
C GLY A 234 8.42 -7.48 6.47
N PHE A 235 8.07 -6.29 6.94
CA PHE A 235 6.77 -6.03 7.56
C PHE A 235 5.65 -5.99 6.54
N THR A 236 4.47 -6.47 6.94
CA THR A 236 3.29 -6.38 6.09
C THR A 236 2.37 -5.26 6.57
N ILE A 237 2.06 -4.34 5.66
CA ILE A 237 1.21 -3.19 5.93
C ILE A 237 -0.18 -3.42 5.35
N ARG A 238 -1.19 -3.36 6.21
CA ARG A 238 -2.58 -3.44 5.81
C ARG A 238 -3.09 -2.05 5.47
N GLU A 239 -3.93 -1.97 4.45
CA GLU A 239 -4.32 -0.70 3.85
C GLU A 239 -5.83 -0.62 3.64
N MET A 240 -6.52 0.09 4.51
CA MET A 240 -7.96 0.29 4.35
C MET A 240 -8.24 1.60 3.62
N ARG A 241 -9.13 1.53 2.62
CA ARG A 241 -9.56 2.72 1.91
C ARG A 241 -11.07 2.92 2.02
N GLY A 242 -11.47 4.17 2.19
CA GLY A 242 -12.88 4.55 2.21
C GLY A 242 -13.12 5.68 1.23
N LYS A 243 -14.20 6.43 1.45
CA LYS A 243 -14.47 7.62 0.64
C LYS A 243 -13.46 8.72 0.97
N LEU A 244 -13.20 9.59 -0.01
CA LEU A 244 -12.16 10.61 0.12
C LEU A 244 -12.48 11.65 1.18
N ALA A 245 -11.43 12.07 1.88
CA ALA A 245 -11.50 13.20 2.80
C ALA A 245 -10.24 14.02 2.62
N ILE A 246 -10.41 15.25 2.16
CA ILE A 246 -9.29 16.15 1.94
C ILE A 246 -9.15 17.04 3.17
N GLY A 247 -7.92 17.14 3.68
CA GLY A 247 -7.67 17.94 4.87
C GLY A 247 -6.75 19.11 4.60
N ILE A 248 -7.21 20.32 4.92
CA ILE A 248 -6.37 21.51 4.84
C ILE A 248 -5.86 21.87 6.23
N THR A 249 -4.59 22.25 6.33
CA THR A 249 -4.02 22.76 7.57
C THR A 249 -3.42 24.14 7.32
N ALA A 250 -3.52 25.03 8.31
CA ALA A 250 -3.01 26.38 8.16
C ALA A 250 -2.46 26.94 9.48
N ASN A 251 -1.32 27.61 9.39
CA ASN A 251 -0.74 28.31 10.54
C ASN A 251 -0.58 29.80 10.27
N PHE A 252 -1.11 30.60 11.18
CA PHE A 252 -1.01 32.06 11.11
C PHE A 252 -0.23 32.56 12.32
N VAL A 253 0.51 33.65 12.15
CA VAL A 253 1.41 34.15 13.19
C VAL A 253 0.66 34.64 14.43
N ASN A 254 1.06 34.11 15.58
CA ASN A 254 0.50 34.53 16.86
C ASN A 254 1.33 35.67 17.46
N GLY A 255 0.87 36.90 17.24
CA GLY A 255 1.53 38.09 17.79
C GLY A 255 1.34 38.20 19.29
N ARG A 256 0.36 37.45 19.80
CA ARG A 256 0.03 37.39 21.22
C ARG A 256 -0.34 38.75 21.83
N THR A 257 -0.93 39.60 20.99
CA THR A 257 -1.49 40.88 21.43
C THR A 257 -2.67 40.60 22.36
N VAL A 258 -2.92 41.51 23.29
CA VAL A 258 -3.99 41.35 24.28
C VAL A 258 -5.30 40.94 23.60
N GLU A 259 -5.72 41.70 22.60
CA GLU A 259 -6.97 41.43 21.89
C GLU A 259 -6.85 40.23 20.93
N GLU A 260 -5.62 39.90 20.55
CA GLU A 260 -5.33 38.75 19.70
C GLU A 260 -5.40 37.44 20.48
N THR A 261 -5.11 37.50 21.78
CA THR A 261 -5.17 36.32 22.65
C THR A 261 -6.47 36.25 23.44
N GLN A 262 -7.50 36.93 22.96
CA GLN A 262 -8.82 36.89 23.59
C GLN A 262 -9.86 36.20 22.69
N VAL A 263 -9.39 35.26 21.87
CA VAL A 263 -10.25 34.49 20.98
C VAL A 263 -10.20 33.01 21.33
N PRO A 264 -11.33 32.43 21.77
CA PRO A 264 -11.41 31.04 22.25
C PRO A 264 -11.06 30.00 21.19
N GLU A 265 -10.57 28.85 21.65
CA GLU A 265 -10.19 27.73 20.78
C GLU A 265 -11.40 26.87 20.38
N ILE A 266 -11.29 26.17 19.26
CA ILE A 266 -12.40 25.40 18.70
C ILE A 266 -12.04 23.92 18.48
N SER A 267 -12.90 23.02 18.95
CA SER A 267 -12.82 21.58 18.67
C SER A 267 -14.12 20.88 19.03
N TYR A 273 -20.52 18.06 9.25
CA TYR A 273 -21.40 19.19 9.56
C TYR A 273 -22.55 18.76 10.48
N ASN A 274 -22.58 19.31 11.69
CA ASN A 274 -23.61 19.01 12.68
C ASN A 274 -24.19 20.26 13.33
N GLN A 275 -23.31 21.16 13.76
CA GLN A 275 -23.71 22.44 14.33
C GLN A 275 -24.03 23.44 13.23
N LYS A 276 -24.89 24.40 13.54
CA LYS A 276 -25.37 25.40 12.57
C LYS A 276 -24.29 26.37 12.08
N PHE A 277 -23.08 26.25 12.65
CA PHE A 277 -21.95 27.08 12.24
C PHE A 277 -21.39 26.63 10.90
N PHE A 278 -21.11 25.34 10.76
CA PHE A 278 -20.62 24.76 9.50
C PHE A 278 -21.56 25.08 8.35
N GLN A 279 -22.82 25.38 8.70
CA GLN A 279 -23.85 25.77 7.73
C GLN A 279 -23.75 27.25 7.35
N SER A 280 -23.53 28.12 8.33
CA SER A 280 -23.44 29.56 8.09
C SER A 280 -22.11 29.98 7.44
N LEU A 281 -21.22 29.01 7.24
CA LEU A 281 -19.94 29.23 6.57
C LEU A 281 -20.10 29.41 5.06
N LEU A 282 -21.09 28.72 4.48
CA LEU A 282 -21.39 28.81 3.05
C LEU A 282 -22.00 30.15 2.63
N LYS A 283 -22.49 30.90 3.63
CA LYS A 283 -23.21 32.16 3.40
C LYS A 283 -22.34 33.19 2.67
N ALA A 284 -21.39 33.79 3.39
CA ALA A 284 -20.56 34.84 2.83
C ALA A 284 -19.40 34.29 2.00
N THR A 285 -18.70 33.30 2.54
CA THR A 285 -17.49 32.77 1.93
C THR A 285 -17.76 31.70 0.87
N GLY A 286 -18.79 30.89 1.08
CA GLY A 286 -19.10 29.78 0.19
C GLY A 286 -18.13 28.62 0.37
N ILE A 287 -17.61 28.48 1.59
CA ILE A 287 -16.68 27.41 1.92
C ILE A 287 -17.43 26.22 2.53
N ASP A 288 -17.23 25.04 1.94
CA ASP A 288 -17.98 23.85 2.29
C ASP A 288 -17.12 22.87 3.09
N LEU A 289 -17.17 22.98 4.42
CA LEU A 289 -16.40 22.12 5.31
C LEU A 289 -17.31 21.35 6.26
N GLU A 290 -16.97 20.10 6.52
CA GLU A 290 -17.72 19.28 7.47
C GLU A 290 -17.32 19.58 8.92
N ASN A 291 -16.01 19.67 9.18
CA ASN A 291 -15.51 20.09 10.48
C ASN A 291 -14.21 20.88 10.43
N ILE A 292 -14.07 21.82 11.35
CA ILE A 292 -12.88 22.67 11.46
C ILE A 292 -12.40 22.75 12.91
N VAL A 293 -11.09 22.80 13.10
CA VAL A 293 -10.50 22.89 14.43
C VAL A 293 -9.54 24.08 14.52
N TYR A 294 -9.55 24.75 15.67
CA TYR A 294 -8.61 25.84 15.93
C TYR A 294 -7.82 25.60 17.21
N TYR A 295 -6.51 25.78 17.11
CA TYR A 295 -5.64 25.76 18.28
C TYR A 295 -4.80 27.03 18.34
N LYS A 296 -4.64 27.56 19.55
CA LYS A 296 -3.84 28.75 19.77
C LYS A 296 -2.55 28.32 20.47
N ASP A 297 -1.47 28.22 19.69
CA ASP A 297 -0.17 27.80 20.18
C ASP A 297 0.85 28.88 19.85
N GLU A 298 2.01 28.45 19.35
CA GLU A 298 3.03 29.38 18.85
C GLU A 298 2.50 30.08 17.61
N THR A 299 1.60 29.38 16.91
CA THR A 299 0.91 29.91 15.74
C THR A 299 -0.59 29.67 15.86
N HIS A 300 -1.38 30.48 15.16
CA HIS A 300 -2.81 30.28 15.07
C HIS A 300 -3.09 29.10 14.15
N TYR A 301 -3.25 27.93 14.76
CA TYR A 301 -3.37 26.68 14.04
C TYR A 301 -4.81 26.39 13.63
N PHE A 302 -5.00 26.07 12.36
CA PHE A 302 -6.30 25.66 11.82
C PHE A 302 -6.16 24.37 11.03
N VAL A 303 -7.09 23.44 11.25
CA VAL A 303 -7.18 22.22 10.45
C VAL A 303 -8.65 21.98 10.08
N MET A 304 -8.89 21.80 8.77
CA MET A 304 -10.25 21.61 8.27
C MET A 304 -10.34 20.47 7.27
N THR A 305 -11.49 19.81 7.25
CA THR A 305 -11.76 18.75 6.29
C THR A 305 -12.69 19.31 5.21
N ALA A 306 -12.20 19.32 3.97
CA ALA A 306 -12.89 19.95 2.87
C ALA A 306 -13.62 18.95 1.97
N LYS A 307 -14.62 19.45 1.25
CA LYS A 307 -15.37 18.66 0.27
C LYS A 307 -14.76 18.87 -1.12
N LYS A 308 -14.37 17.77 -1.76
CA LYS A 308 -13.80 17.79 -3.11
C LYS A 308 -14.75 18.46 -4.10
N GLN A 309 -16.05 18.33 -3.83
CA GLN A 309 -17.11 18.98 -4.60
C GLN A 309 -16.86 20.48 -4.76
N CYS A 310 -16.46 21.14 -3.67
CA CYS A 310 -16.29 22.60 -3.68
C CYS A 310 -14.86 23.07 -3.90
N LEU A 311 -13.89 22.17 -3.75
CA LEU A 311 -12.49 22.49 -4.00
C LEU A 311 -12.19 22.60 -5.49
N LEU A 312 -12.95 21.87 -6.30
CA LEU A 312 -12.88 21.99 -7.76
C LEU A 312 -13.60 23.25 -8.21
N ARG A 313 -14.61 23.66 -7.42
CA ARG A 313 -15.46 24.79 -7.74
C ARG A 313 -14.75 26.14 -7.56
N LEU A 314 -14.13 26.32 -6.40
CA LEU A 314 -13.41 27.55 -6.08
C LEU A 314 -11.93 27.45 -6.47
N GLY A 315 -11.63 26.50 -7.35
CA GLY A 315 -10.34 26.37 -8.00
C GLY A 315 -9.10 26.33 -7.13
N VAL A 316 -9.14 25.55 -6.05
CA VAL A 316 -7.94 25.24 -5.27
C VAL A 316 -7.24 24.04 -5.92
N LEU A 317 -8.05 23.10 -6.38
CA LEU A 317 -7.57 22.00 -7.22
C LEU A 317 -7.95 22.31 -8.67
N ARG A 318 -6.99 22.12 -9.57
CA ARG A 318 -7.18 22.49 -10.99
C ARG A 318 -8.17 21.58 -11.71
N GLN A 319 -7.94 20.27 -11.65
CA GLN A 319 -8.78 19.31 -12.37
C GLN A 319 -9.04 18.02 -11.59
N ASP A 320 -10.24 17.47 -11.80
CA ASP A 320 -10.69 16.26 -11.10
C ASP A 320 -10.02 15.01 -11.63
N LEU A 321 -9.05 14.51 -10.86
CA LEU A 321 -8.43 13.22 -11.12
C LEU A 321 -9.04 12.18 -10.18
N SER A 322 -9.45 11.05 -10.75
CA SER A 322 -10.21 10.04 -10.03
C SER A 322 -9.45 9.33 -8.89
N GLU A 323 -8.12 9.34 -8.95
CA GLU A 323 -7.29 8.64 -7.97
C GLU A 323 -6.67 9.60 -6.95
N THR A 324 -7.14 9.50 -5.71
CA THR A 324 -6.74 10.38 -4.60
C THR A 324 -5.31 10.91 -4.70
N ASP A 325 -4.35 9.98 -4.74
CA ASP A 325 -2.92 10.28 -4.77
C ASP A 325 -2.53 11.36 -5.79
N GLN A 326 -3.02 11.21 -7.01
CA GLN A 326 -2.71 12.13 -8.11
C GLN A 326 -3.43 13.46 -7.98
N LEU A 327 -4.58 13.45 -7.31
CA LEU A 327 -5.42 14.64 -7.15
C LEU A 327 -4.81 15.69 -6.23
N LEU A 328 -3.75 15.32 -5.52
CA LEU A 328 -3.17 16.19 -4.49
C LEU A 328 -1.69 16.56 -4.73
N GLY A 329 -1.20 16.30 -5.93
CA GLY A 329 0.18 16.64 -6.30
C GLY A 329 0.43 18.13 -6.43
N LYS A 330 1.69 18.53 -6.27
CA LYS A 330 2.13 19.93 -6.36
C LYS A 330 1.65 20.63 -7.64
N ALA A 331 1.41 19.84 -8.70
CA ALA A 331 0.90 20.37 -9.96
C ALA A 331 -0.58 20.69 -9.91
N ASN A 332 -1.38 19.78 -9.36
CA ASN A 332 -2.83 19.91 -9.32
C ASN A 332 -3.35 20.90 -8.27
N VAL A 333 -2.50 21.22 -7.30
CA VAL A 333 -2.88 22.13 -6.21
C VAL A 333 -2.46 23.57 -6.54
N VAL A 334 -3.43 24.46 -6.68
CA VAL A 334 -3.17 25.89 -6.83
C VAL A 334 -2.81 26.48 -5.47
N PRO A 335 -1.56 26.96 -5.32
CA PRO A 335 -1.09 27.47 -4.03
C PRO A 335 -1.79 28.76 -3.61
N GLU A 336 -2.15 29.58 -4.59
CA GLU A 336 -2.73 30.90 -4.35
C GLU A 336 -4.14 30.81 -3.78
N ALA A 337 -4.98 30.02 -4.43
CA ALA A 337 -6.36 29.82 -4.02
C ALA A 337 -6.45 29.07 -2.68
N LEU A 338 -5.44 28.25 -2.40
CA LEU A 338 -5.34 27.54 -1.14
C LEU A 338 -5.16 28.49 0.05
N GLN A 339 -4.53 29.63 -0.20
CA GLN A 339 -4.35 30.67 0.81
C GLN A 339 -5.61 31.50 1.04
N ARG A 340 -6.32 31.81 -0.05
CA ARG A 340 -7.56 32.57 0.04
C ARG A 340 -8.74 31.67 0.43
N PHE A 341 -8.52 30.36 0.36
CA PHE A 341 -9.47 29.37 0.89
C PHE A 341 -9.26 29.23 2.39
N ALA A 342 -8.00 29.05 2.78
CA ALA A 342 -7.64 28.82 4.17
C ALA A 342 -7.91 30.02 5.06
N ARG A 343 -7.59 31.21 4.56
CA ARG A 343 -7.86 32.46 5.30
C ARG A 343 -9.35 32.78 5.31
N ALA A 344 -10.07 32.37 4.26
CA ALA A 344 -11.52 32.53 4.21
C ALA A 344 -12.19 31.77 5.35
N ALA A 345 -11.78 30.52 5.54
CA ALA A 345 -12.29 29.69 6.62
C ALA A 345 -11.85 30.20 7.98
N ALA A 346 -10.58 30.59 8.07
CA ALA A 346 -9.99 31.08 9.33
C ALA A 346 -10.53 32.44 9.78
N ASP A 347 -10.81 33.32 8.81
CA ASP A 347 -11.29 34.66 9.12
C ASP A 347 -12.71 34.63 9.67
N PHE A 348 -13.60 33.91 8.98
CA PHE A 348 -14.99 33.77 9.42
C PHE A 348 -15.11 32.92 10.68
N ALA A 349 -14.26 31.90 10.81
CA ALA A 349 -14.29 30.97 11.95
C ALA A 349 -14.08 31.67 13.29
N THR A 350 -13.30 32.75 13.29
CA THR A 350 -13.09 33.56 14.49
C THR A 350 -13.92 34.84 14.45
N HIS A 351 -14.76 34.95 13.42
CA HIS A 351 -15.62 36.13 13.19
C HIS A 351 -14.82 37.41 12.94
N GLY A 352 -13.61 37.24 12.41
CA GLY A 352 -12.70 38.35 12.09
C GLY A 352 -12.13 39.05 13.31
N LYS A 353 -12.14 38.35 14.44
CA LYS A 353 -11.64 38.91 15.70
C LYS A 353 -10.11 38.90 15.78
N LEU A 354 -9.47 38.29 14.79
CA LEU A 354 -8.00 38.16 14.76
C LEU A 354 -7.32 39.00 13.67
N GLY A 355 -8.11 39.82 12.97
CA GLY A 355 -7.58 40.72 11.95
C GLY A 355 -7.03 40.03 10.71
N LYS A 356 -6.28 40.79 9.91
CA LYS A 356 -5.66 40.28 8.68
C LYS A 356 -4.52 39.33 9.02
N LEU A 357 -4.84 38.04 9.05
CA LEU A 357 -3.91 37.01 9.45
C LEU A 357 -2.86 36.74 8.38
N GLU A 358 -1.60 36.88 8.76
CA GLU A 358 -0.48 36.54 7.90
C GLU A 358 0.00 35.12 8.23
N PHE A 359 0.34 34.37 7.19
CA PHE A 359 0.84 33.00 7.35
C PHE A 359 2.24 33.02 7.94
N ALA A 360 2.54 32.00 8.74
CA ALA A 360 3.92 31.70 9.11
C ALA A 360 4.51 30.87 7.97
N GLN A 361 5.81 30.69 7.96
CA GLN A 361 6.47 30.02 6.84
C GLN A 361 6.83 28.57 7.14
N ASP A 362 7.26 27.86 6.10
CA ASP A 362 7.89 26.54 6.21
C ASP A 362 9.19 26.71 7.07
N ALA A 363 10.38 26.15 6.76
CA ALA A 363 10.76 25.10 5.80
C ALA A 363 11.24 25.52 4.40
N ARG A 364 10.68 26.60 3.85
CA ARG A 364 10.97 27.04 2.48
C ARG A 364 10.68 28.54 2.27
N GLY A 365 10.28 29.22 3.34
CA GLY A 365 9.82 30.60 3.23
C GLY A 365 8.42 30.65 2.65
N ARG A 366 7.94 29.49 2.20
CA ARG A 366 6.57 29.28 1.76
C ARG A 366 5.62 29.48 2.93
N PRO A 367 4.41 30.01 2.68
CA PRO A 367 3.42 30.17 3.74
C PRO A 367 2.93 28.81 4.23
N ASP A 368 2.78 28.65 5.54
CA ASP A 368 2.38 27.36 6.10
C ASP A 368 0.90 27.05 5.86
N VAL A 369 0.65 26.45 4.71
CA VAL A 369 -0.66 25.93 4.35
C VAL A 369 -0.46 24.71 3.45
N ALA A 370 -1.20 23.64 3.76
CA ALA A 370 -1.03 22.37 3.05
C ALA A 370 -2.34 21.62 2.91
N ALA A 371 -2.59 21.13 1.70
CA ALA A 371 -3.70 20.22 1.44
C ALA A 371 -3.19 18.79 1.63
N PHE A 372 -3.84 18.07 2.52
CA PHE A 372 -3.42 16.72 2.91
C PHE A 372 -4.48 15.66 2.62
N ASP A 373 -4.08 14.39 2.72
CA ASP A 373 -4.97 13.26 2.49
C ASP A 373 -5.40 12.57 3.79
N PHE A 374 -6.67 12.20 3.87
CA PHE A 374 -7.26 11.56 5.05
C PHE A 374 -7.93 10.23 4.70
N THR A 375 -7.74 9.77 3.46
CA THR A 375 -8.49 8.62 2.94
C THR A 375 -7.98 7.26 3.42
N SER A 376 -6.66 7.07 3.37
CA SER A 376 -6.07 5.75 3.60
C SER A 376 -5.30 5.63 4.93
N MET A 377 -5.73 4.69 5.76
CA MET A 377 -5.11 4.45 7.06
C MET A 377 -4.24 3.20 7.02
N MET A 378 -2.93 3.40 7.16
CA MET A 378 -1.97 2.30 7.13
C MET A 378 -1.73 1.75 8.53
N ARG A 379 -1.80 0.42 8.64
CA ARG A 379 -1.50 -0.29 9.86
C ARG A 379 -0.62 -1.49 9.52
N ALA A 380 0.42 -1.71 10.33
CA ALA A 380 1.26 -2.89 10.17
C ALA A 380 0.55 -4.09 10.77
N GLU A 381 0.77 -5.27 10.16
CA GLU A 381 0.17 -6.50 10.66
C GLU A 381 0.85 -6.95 11.95
N SER A 382 2.18 -6.84 11.99
CA SER A 382 2.93 -7.04 13.22
C SER A 382 3.77 -5.82 13.56
N SER A 383 3.94 -5.56 14.85
CA SER A 383 4.72 -4.41 15.33
C SER A 383 6.21 -4.74 15.50
N ALA A 384 6.57 -6.01 15.33
CA ALA A 384 7.94 -6.48 15.54
C ALA A 384 8.28 -7.67 14.66
N ARG A 385 9.56 -7.79 14.31
CA ARG A 385 10.09 -8.87 13.50
C ARG A 385 11.54 -9.13 13.87
N VAL A 386 11.93 -10.40 13.98
CA VAL A 386 13.32 -10.75 14.27
C VAL A 386 13.99 -11.40 13.05
N GLN A 387 15.20 -10.92 12.74
CA GLN A 387 16.00 -11.51 11.66
C GLN A 387 17.30 -12.07 12.22
N GLU A 388 17.59 -13.32 11.84
CA GLU A 388 18.79 -14.01 12.29
C GLU A 388 19.56 -14.57 11.10
N LYS A 389 20.84 -14.24 11.01
CA LYS A 389 21.70 -14.75 9.94
C LYS A 389 23.13 -14.98 10.43
N HIS A 390 23.64 -16.18 10.16
CA HIS A 390 24.99 -16.61 10.55
C HIS A 390 25.30 -16.50 12.05
N GLY A 391 24.27 -16.55 12.89
CA GLY A 391 24.44 -16.53 14.34
C GLY A 391 23.88 -15.32 15.06
N ALA A 392 23.89 -14.17 14.40
CA ALA A 392 23.47 -12.92 15.04
C ALA A 392 21.97 -12.66 14.93
N ARG A 393 21.36 -12.24 16.04
CA ARG A 393 19.94 -11.94 16.11
C ARG A 393 19.71 -10.43 15.96
N LEU A 394 18.71 -10.07 15.16
CA LEU A 394 18.31 -8.66 15.00
C LEU A 394 16.82 -8.50 15.29
N LEU A 395 16.50 -7.60 16.21
CA LEU A 395 15.13 -7.32 16.58
C LEU A 395 14.66 -6.04 15.90
N LEU A 396 13.58 -6.14 15.12
CA LEU A 396 13.04 -4.99 14.39
C LEU A 396 11.70 -4.56 14.97
N GLY A 397 11.60 -3.29 15.33
CA GLY A 397 10.38 -2.76 15.92
C GLY A 397 9.90 -1.47 15.28
N LEU A 398 8.59 -1.38 15.08
CA LEU A 398 7.95 -0.17 14.59
C LEU A 398 7.40 0.66 15.74
N VAL A 399 7.48 1.98 15.60
CA VAL A 399 6.94 2.90 16.60
C VAL A 399 6.37 4.14 15.92
N GLY A 400 5.10 4.43 16.21
CA GLY A 400 4.46 5.67 15.77
C GLY A 400 3.62 5.58 14.50
N ASP A 401 3.78 6.60 13.65
CA ASP A 401 3.04 6.73 12.39
C ASP A 401 3.25 5.58 11.40
N CYS A 402 4.44 4.99 11.43
CA CYS A 402 4.78 3.88 10.53
C CYS A 402 4.23 2.56 11.03
N LEU A 403 3.87 2.51 12.31
CA LEU A 403 3.12 1.38 12.84
C LEU A 403 1.63 1.59 12.57
N VAL A 404 1.08 2.69 13.06
CA VAL A 404 -0.33 3.04 12.81
C VAL A 404 -0.50 4.48 12.32
N GLU A 405 -1.27 4.63 11.24
CA GLU A 405 -1.64 5.94 10.73
C GLU A 405 -2.91 6.44 11.43
N PRO A 406 -2.80 7.56 12.18
CA PRO A 406 -3.92 8.03 12.98
C PRO A 406 -4.86 8.98 12.26
N PHE A 407 -6.13 8.95 12.64
CA PHE A 407 -7.09 9.97 12.22
C PHE A 407 -6.76 11.22 13.03
N TRP A 408 -6.06 12.16 12.38
CA TRP A 408 -5.56 13.36 13.05
C TRP A 408 -6.63 14.23 13.78
N PRO A 409 -7.87 14.29 13.25
CA PRO A 409 -8.96 14.95 13.99
C PRO A 409 -9.25 14.33 15.37
N LEU A 410 -9.10 13.01 15.48
CA LEU A 410 -9.26 12.32 16.77
C LEU A 410 -8.05 12.60 17.66
N GLY A 411 -6.86 12.65 17.05
CA GLY A 411 -5.63 13.07 17.72
C GLY A 411 -5.09 12.08 18.73
N THR A 412 -4.68 10.91 18.24
CA THR A 412 -4.15 9.85 19.10
C THR A 412 -2.72 9.48 18.71
N GLY A 413 -2.11 10.29 17.84
CA GLY A 413 -0.79 10.03 17.28
C GLY A 413 0.34 9.98 18.30
N VAL A 414 0.52 11.09 19.00
CA VAL A 414 1.54 11.21 20.05
C VAL A 414 1.28 10.22 21.19
N ALA A 415 0.00 9.98 21.47
CA ALA A 415 -0.43 9.04 22.49
C ALA A 415 0.08 7.63 22.21
N ARG A 416 -0.21 7.13 21.01
CA ARG A 416 0.07 5.75 20.64
C ARG A 416 1.49 5.53 20.13
N GLY A 417 2.10 6.58 19.61
CA GLY A 417 3.51 6.55 19.26
C GLY A 417 4.32 6.34 20.51
N PHE A 418 4.10 7.22 21.49
CA PHE A 418 4.70 7.10 22.81
C PHE A 418 4.43 5.74 23.43
N LEU A 419 3.26 5.17 23.14
CA LEU A 419 2.93 3.83 23.60
C LEU A 419 3.71 2.75 22.87
N ALA A 420 3.78 2.85 21.54
CA ALA A 420 4.62 1.97 20.73
C ALA A 420 6.08 2.06 21.17
N ALA A 421 6.49 3.25 21.60
CA ALA A 421 7.83 3.49 22.13
C ALA A 421 8.06 2.75 23.44
N PHE A 422 7.12 2.86 24.37
CA PHE A 422 7.21 2.19 25.67
C PHE A 422 7.21 0.68 25.48
N ASP A 423 6.32 0.21 24.61
CA ASP A 423 6.13 -1.21 24.36
C ASP A 423 7.24 -1.78 23.46
N ALA A 424 8.00 -0.91 22.83
CA ALA A 424 9.19 -1.32 22.07
C ALA A 424 10.39 -1.41 22.99
N ALA A 425 10.39 -0.58 24.03
CA ALA A 425 11.48 -0.58 25.00
C ALA A 425 11.35 -1.77 25.96
N TRP A 426 10.11 -2.14 26.29
CA TRP A 426 9.82 -3.34 27.07
C TRP A 426 10.30 -4.58 26.33
N MET A 427 10.18 -4.55 25.01
CA MET A 427 10.65 -5.63 24.14
C MET A 427 12.17 -5.77 24.21
N VAL A 428 12.88 -4.64 24.11
CA VAL A 428 14.34 -4.61 24.21
C VAL A 428 14.79 -5.10 25.59
N LYS A 429 14.01 -4.78 26.63
CA LYS A 429 14.31 -5.25 27.99
C LYS A 429 14.30 -6.77 28.06
N ARG A 430 13.17 -7.38 27.65
CA ARG A 430 13.01 -8.83 27.63
C ARG A 430 14.05 -9.46 26.70
N TRP A 431 14.35 -8.75 25.61
CA TRP A 431 15.35 -9.15 24.63
C TRP A 431 16.73 -9.32 25.27
N ALA A 432 17.17 -8.30 26.00
CA ALA A 432 18.47 -8.28 26.66
C ALA A 432 18.55 -9.23 27.87
N GLU A 433 17.49 -10.01 28.07
CA GLU A 433 17.46 -11.09 29.06
C GLU A 433 17.51 -12.42 28.32
N GLY A 434 17.74 -12.36 27.01
CA GLY A 434 17.79 -13.53 26.15
C GLY A 434 16.49 -14.31 26.07
N ALA A 435 15.37 -13.63 26.33
CA ALA A 435 14.06 -14.28 26.45
C ALA A 435 13.74 -15.29 25.35
N GLY A 436 14.22 -15.00 24.14
CA GLY A 436 14.06 -15.91 23.00
C GLY A 436 13.11 -15.36 21.96
N PRO A 437 13.62 -15.17 20.72
CA PRO A 437 12.91 -14.60 19.58
C PRO A 437 11.40 -14.83 19.60
N LEU A 438 10.97 -16.07 19.39
CA LEU A 438 9.54 -16.41 19.33
C LEU A 438 8.74 -15.86 20.50
N GLU A 439 9.34 -15.83 21.68
CA GLU A 439 8.67 -15.33 22.87
C GLU A 439 8.55 -13.81 22.89
N VAL A 440 9.68 -13.11 22.81
CA VAL A 440 9.70 -11.64 22.88
C VAL A 440 8.68 -11.02 21.92
N LEU A 441 8.53 -11.63 20.76
CA LEU A 441 7.60 -11.19 19.73
C LEU A 441 6.16 -11.37 20.20
N ALA A 442 5.88 -12.55 20.76
CA ALA A 442 4.55 -12.90 21.27
C ALA A 442 4.06 -11.95 22.36
N GLU A 443 4.96 -11.53 23.25
CA GLU A 443 4.65 -10.50 24.24
C GLU A 443 4.26 -9.20 23.55
N ARG A 444 5.16 -8.71 22.70
CA ARG A 444 4.97 -7.46 21.96
C ARG A 444 3.68 -7.46 21.16
N GLU A 445 3.43 -8.56 20.45
CA GLU A 445 2.26 -8.66 19.59
C GLU A 445 0.95 -8.79 20.37
N SER A 446 1.03 -9.35 21.58
CA SER A 446 -0.11 -9.40 22.49
C SER A 446 -0.46 -8.01 22.98
N LEU A 447 0.57 -7.18 23.19
CA LEU A 447 0.39 -5.79 23.59
C LEU A 447 -0.09 -4.91 22.44
N TYR A 448 0.45 -5.16 21.24
CA TYR A 448 0.11 -4.38 20.05
C TYR A 448 -1.36 -4.55 19.65
N GLN A 449 -1.89 -5.75 19.89
CA GLN A 449 -3.30 -6.04 19.60
C GLN A 449 -4.25 -5.10 20.34
N LEU A 450 -3.72 -4.38 21.33
CA LEU A 450 -4.48 -3.40 22.10
C LEU A 450 -4.43 -2.00 21.51
N LEU A 451 -3.38 -1.72 20.73
CA LEU A 451 -3.04 -0.35 20.32
C LEU A 451 -4.18 0.50 19.74
N SER A 452 -5.22 -0.15 19.23
CA SER A 452 -6.40 0.55 18.72
C SER A 452 -7.38 0.89 19.84
N GLN A 453 -7.90 -0.14 20.51
CA GLN A 453 -8.84 0.02 21.63
C GLN A 453 -8.46 1.18 22.54
N THR A 454 -7.16 1.34 22.77
CA THR A 454 -6.58 2.34 23.66
C THR A 454 -7.25 3.70 23.61
N SER A 455 -7.73 4.13 24.77
CA SER A 455 -8.22 5.48 24.98
C SER A 455 -7.83 5.88 26.40
N PRO A 456 -7.87 7.18 26.73
CA PRO A 456 -7.71 7.56 28.14
C PRO A 456 -8.79 6.94 29.02
N GLU A 457 -9.84 6.43 28.41
CA GLU A 457 -10.99 5.84 29.11
C GLU A 457 -10.77 4.41 29.57
N ASN A 458 -10.10 3.61 28.74
CA ASN A 458 -9.91 2.18 29.01
C ASN A 458 -8.52 1.81 29.54
N MET A 459 -7.76 2.81 30.01
CA MET A 459 -6.40 2.60 30.48
C MET A 459 -6.23 2.91 31.96
N HIS A 460 -5.06 2.57 32.50
CA HIS A 460 -4.78 2.73 33.93
C HIS A 460 -4.86 4.18 34.42
N ARG A 461 -5.71 4.40 35.41
CA ARG A 461 -6.11 5.73 35.87
C ARG A 461 -4.97 6.56 36.42
N ASN A 462 -4.02 5.91 37.11
CA ASN A 462 -2.91 6.59 37.75
C ASN A 462 -1.83 6.95 36.73
N VAL A 463 -2.14 7.96 35.91
CA VAL A 463 -1.23 8.50 34.89
C VAL A 463 0.20 8.65 35.42
N ALA A 464 0.33 9.25 36.61
CA ALA A 464 1.63 9.46 37.25
C ALA A 464 2.46 8.18 37.31
N GLN A 465 1.82 7.08 37.69
CA GLN A 465 2.49 5.78 37.85
C GLN A 465 2.97 5.10 36.56
N TYR A 466 2.74 5.74 35.41
CA TYR A 466 3.08 5.14 34.11
C TYR A 466 4.57 4.87 33.93
N GLY A 467 4.89 3.69 33.43
CA GLY A 467 6.26 3.28 33.19
C GLY A 467 6.35 2.20 32.13
N LEU A 468 7.58 1.71 31.89
CA LEU A 468 7.83 0.69 30.87
C LEU A 468 7.06 -0.61 31.06
N ASP A 469 6.90 -1.04 32.31
CA ASP A 469 6.08 -2.20 32.64
C ASP A 469 4.69 -1.94 32.09
N PRO A 470 4.29 -2.73 31.07
CA PRO A 470 3.08 -2.41 30.32
C PRO A 470 1.82 -2.53 31.16
N ALA A 471 1.93 -3.24 32.28
CA ALA A 471 0.79 -3.46 33.17
C ALA A 471 0.54 -2.28 34.13
N THR A 472 1.42 -1.29 34.09
CA THR A 472 1.16 -0.02 34.76
C THR A 472 0.26 0.84 33.87
N ARG A 473 -0.04 0.30 32.68
CA ARG A 473 -0.73 1.04 31.63
C ARG A 473 -2.00 0.34 31.14
N TYR A 474 -1.91 -0.96 30.90
CA TYR A 474 -3.03 -1.74 30.35
C TYR A 474 -3.70 -2.61 31.42
N PRO A 475 -4.94 -2.25 31.81
CA PRO A 475 -5.71 -3.05 32.78
C PRO A 475 -6.09 -4.44 32.25
N ASN A 476 -6.03 -5.44 33.13
CA ASN A 476 -6.31 -6.85 32.77
C ASN A 476 -5.44 -7.43 31.66
N LEU A 477 -4.26 -6.85 31.49
CA LEU A 477 -3.27 -7.24 30.48
C LEU A 477 -3.08 -8.76 30.37
N ASN A 478 -3.01 -9.24 29.13
CA ASN A 478 -2.74 -10.63 28.85
C ASN A 478 -1.51 -10.79 27.96
N LEU A 479 -0.37 -11.10 28.58
CA LEU A 479 0.90 -11.28 27.86
C LEU A 479 0.90 -12.53 26.98
N ARG A 480 -0.15 -13.34 27.12
CA ARG A 480 -0.26 -14.61 26.41
C ARG A 480 -1.44 -14.63 25.42
N ALA A 481 -1.90 -13.45 25.03
CA ALA A 481 -2.96 -13.30 24.03
C ALA A 481 -2.53 -13.87 22.68
N VAL A 482 -1.23 -13.81 22.42
CA VAL A 482 -0.64 -14.45 21.26
C VAL A 482 0.42 -15.43 21.77
N THR A 483 0.24 -16.71 21.46
CA THR A 483 1.25 -17.71 21.78
C THR A 483 2.36 -17.62 20.73
N PRO A 484 3.62 -17.88 21.13
CA PRO A 484 4.77 -17.80 20.22
C PRO A 484 4.67 -18.76 19.02
N ASN A 485 3.66 -19.61 19.03
CA ASN A 485 3.41 -20.55 17.94
C ASN A 485 2.57 -19.92 16.84
N GLN A 486 1.97 -18.78 17.16
CA GLN A 486 1.15 -18.03 16.21
C GLN A 486 2.00 -17.05 15.40
N VAL A 487 3.24 -16.85 15.83
CA VAL A 487 4.15 -15.89 15.20
C VAL A 487 5.36 -16.56 14.57
N GLN A 488 5.28 -17.87 14.34
CA GLN A 488 6.39 -18.69 13.81
C GLN A 488 7.22 -18.01 12.72
N ASP A 489 6.55 -17.28 11.81
CA ASP A 489 7.21 -16.70 10.65
C ASP A 489 7.52 -15.20 10.74
N LEU A 490 7.42 -14.64 11.95
CA LEU A 490 7.94 -13.29 12.20
C LEU A 490 9.42 -13.41 12.61
N TYR A 491 9.80 -14.63 12.99
CA TYR A 491 11.20 -14.99 13.21
C TYR A 491 11.76 -15.51 11.90
N ASP A 492 12.81 -14.85 11.40
CA ASP A 492 13.33 -15.12 10.06
C ASP A 492 14.71 -15.79 10.09
N MET A 493 14.73 -17.08 10.40
CA MET A 493 15.96 -17.87 10.33
C MET A 493 16.36 -18.03 8.87
N MET A 494 17.34 -17.25 8.44
CA MET A 494 17.78 -17.28 7.05
C MET A 494 18.67 -18.48 6.75
N ASP A 495 19.21 -19.10 7.80
CA ASP A 495 19.92 -20.38 7.69
C ASP A 495 19.82 -21.23 8.96
N THR B 15 -22.08 -13.57 -52.44
CA THR B 15 -21.70 -14.14 -51.11
C THR B 15 -22.80 -13.90 -50.05
N ASN B 16 -22.58 -14.39 -48.83
CA ASN B 16 -23.63 -14.40 -47.80
C ASN B 16 -23.43 -13.41 -46.63
N PRO B 17 -24.43 -12.54 -46.38
CA PRO B 17 -24.40 -11.51 -45.34
C PRO B 17 -24.01 -12.02 -43.96
N ALA B 18 -24.67 -13.08 -43.50
CA ALA B 18 -24.44 -13.60 -42.16
C ALA B 18 -23.06 -14.25 -42.03
N HIS B 19 -22.77 -15.19 -42.93
CA HIS B 19 -21.55 -15.97 -42.85
C HIS B 19 -20.30 -15.11 -43.01
N ASP B 20 -20.36 -14.11 -43.89
CA ASP B 20 -19.25 -13.18 -44.10
C ASP B 20 -19.02 -12.28 -42.89
N HIS B 21 -20.11 -11.90 -42.21
CA HIS B 21 -20.01 -11.13 -40.97
C HIS B 21 -19.42 -11.95 -39.83
N PHE B 22 -19.75 -13.24 -39.80
CA PHE B 22 -19.22 -14.13 -38.78
C PHE B 22 -17.78 -14.57 -39.10
N GLU B 23 -17.53 -14.95 -40.35
CA GLU B 23 -16.20 -15.41 -40.77
C GLU B 23 -15.09 -14.40 -40.46
N THR B 24 -15.41 -13.11 -40.49
CA THR B 24 -14.44 -12.06 -40.19
C THR B 24 -14.42 -11.67 -38.71
N PHE B 25 -15.55 -11.87 -38.03
CA PHE B 25 -15.63 -11.66 -36.59
C PHE B 25 -14.69 -12.62 -35.84
N VAL B 26 -14.67 -13.87 -36.29
CA VAL B 26 -13.80 -14.90 -35.72
C VAL B 26 -12.32 -14.51 -35.86
N GLN B 27 -11.91 -14.15 -37.07
CA GLN B 27 -10.51 -13.80 -37.31
C GLN B 27 -10.24 -12.29 -37.28
N ALA B 28 -11.12 -11.53 -36.62
CA ALA B 28 -10.87 -10.12 -36.35
C ALA B 28 -9.72 -9.98 -35.34
N GLN B 29 -8.74 -9.16 -35.68
CA GLN B 29 -7.50 -9.09 -34.91
C GLN B 29 -7.35 -7.84 -34.04
N LEU B 30 -8.03 -6.77 -34.42
CA LEU B 30 -8.05 -5.55 -33.62
C LEU B 30 -9.29 -5.58 -32.74
N CYS B 31 -9.16 -5.06 -31.53
CA CYS B 31 -10.29 -4.97 -30.60
C CYS B 31 -11.47 -4.26 -31.26
N GLN B 32 -11.16 -3.30 -32.13
CA GLN B 32 -12.17 -2.56 -32.86
C GLN B 32 -12.95 -3.45 -33.82
N ASP B 33 -12.24 -4.13 -34.72
CA ASP B 33 -12.83 -5.01 -35.73
C ASP B 33 -13.74 -6.08 -35.13
N VAL B 34 -13.37 -6.56 -33.93
CA VAL B 34 -14.22 -7.49 -33.18
C VAL B 34 -15.58 -6.87 -32.86
N LEU B 35 -15.58 -5.61 -32.44
CA LEU B 35 -16.82 -4.91 -32.10
C LEU B 35 -17.63 -4.51 -33.34
N SER B 36 -16.96 -4.01 -34.38
CA SER B 36 -17.63 -3.58 -35.60
C SER B 36 -18.27 -4.74 -36.38
N SER B 37 -17.53 -5.84 -36.52
CA SER B 37 -18.00 -7.00 -37.27
C SER B 37 -19.00 -7.83 -36.47
N PHE B 38 -18.95 -7.73 -35.14
CA PHE B 38 -19.96 -8.34 -34.30
C PHE B 38 -21.24 -7.52 -34.34
N GLN B 39 -21.11 -6.22 -34.55
CA GLN B 39 -22.28 -5.38 -34.72
C GLN B 39 -22.94 -5.60 -36.08
N GLY B 40 -22.12 -5.92 -37.08
CA GLY B 40 -22.61 -6.20 -38.43
C GLY B 40 -23.40 -7.48 -38.50
N LEU B 41 -22.92 -8.50 -37.77
CA LEU B 41 -23.59 -9.79 -37.70
C LEU B 41 -24.90 -9.68 -36.94
N CYS B 42 -24.86 -8.98 -35.81
CA CYS B 42 -26.06 -8.79 -34.99
C CYS B 42 -27.20 -8.11 -35.75
N ARG B 43 -26.87 -7.30 -36.75
CA ARG B 43 -27.88 -6.66 -37.59
C ARG B 43 -28.26 -7.53 -38.78
N ALA B 44 -27.31 -8.30 -39.29
CA ALA B 44 -27.56 -9.28 -40.35
C ALA B 44 -28.53 -10.37 -39.90
N LEU B 45 -28.54 -10.66 -38.60
CA LEU B 45 -29.40 -11.69 -38.03
C LEU B 45 -30.61 -11.10 -37.28
N GLY B 46 -30.67 -9.77 -37.19
CA GLY B 46 -31.75 -9.09 -36.47
C GLY B 46 -31.84 -9.47 -35.00
N VAL B 47 -30.76 -9.21 -34.27
CA VAL B 47 -30.69 -9.43 -32.81
C VAL B 47 -29.95 -8.29 -32.12
N GLU B 48 -30.23 -8.11 -30.83
CA GLU B 48 -29.67 -7.00 -30.07
C GLU B 48 -28.45 -7.41 -29.25
N SER B 49 -27.26 -6.94 -29.64
CA SER B 49 -26.03 -7.30 -28.95
C SER B 49 -26.09 -6.96 -27.46
N GLY B 50 -26.37 -7.96 -26.64
CA GLY B 50 -26.44 -7.81 -25.19
C GLY B 50 -27.52 -8.66 -24.53
N GLY B 51 -28.17 -9.52 -25.31
CA GLY B 51 -29.33 -10.28 -24.86
C GLY B 51 -29.06 -11.61 -24.17
N GLY B 52 -27.97 -11.68 -23.42
CA GLY B 52 -27.62 -12.89 -22.68
C GLY B 52 -27.51 -14.15 -23.52
N LEU B 53 -28.04 -15.25 -23.01
CA LEU B 53 -27.97 -16.54 -23.71
C LEU B 53 -29.04 -16.65 -24.79
N SER B 54 -30.11 -15.89 -24.62
CA SER B 54 -31.16 -15.78 -25.63
C SER B 54 -30.56 -15.30 -26.93
N GLN B 55 -29.70 -14.27 -26.83
CA GLN B 55 -28.92 -13.78 -27.96
C GLN B 55 -28.10 -14.93 -28.55
N TYR B 56 -27.34 -15.62 -27.69
CA TYR B 56 -26.50 -16.74 -28.12
C TYR B 56 -27.27 -17.79 -28.93
N HIS B 57 -28.40 -18.25 -28.40
CA HIS B 57 -29.17 -19.32 -29.04
C HIS B 57 -29.71 -18.92 -30.40
N LYS B 58 -30.07 -17.65 -30.55
CA LYS B 58 -30.53 -17.13 -31.83
C LYS B 58 -29.37 -17.01 -32.81
N ILE B 59 -28.20 -16.63 -32.30
CA ILE B 59 -26.98 -16.50 -33.11
C ILE B 59 -26.59 -17.83 -33.76
N LYS B 60 -26.62 -18.91 -32.99
CA LYS B 60 -26.23 -20.23 -33.47
C LYS B 60 -27.30 -20.84 -34.39
N ALA B 61 -28.54 -20.39 -34.22
CA ALA B 61 -29.66 -20.88 -35.01
C ALA B 61 -29.54 -20.50 -36.49
N GLN B 62 -28.95 -19.34 -36.76
CA GLN B 62 -28.80 -18.83 -38.12
C GLN B 62 -27.45 -19.20 -38.75
N LEU B 63 -26.48 -19.53 -37.90
CA LEU B 63 -25.14 -19.90 -38.36
C LEU B 63 -24.88 -21.39 -38.15
N ASN B 64 -25.92 -22.19 -38.36
CA ASN B 64 -25.82 -23.64 -38.27
C ASN B 64 -25.23 -24.19 -39.58
N TYR B 65 -23.90 -24.31 -39.63
CA TYR B 65 -23.20 -24.83 -40.80
C TYR B 65 -21.78 -25.33 -40.47
N TRP B 66 -21.11 -25.87 -41.49
CA TRP B 66 -19.77 -26.48 -41.37
C TRP B 66 -18.80 -25.80 -40.38
N SER B 67 -18.66 -24.48 -40.50
CA SER B 67 -17.71 -23.73 -39.68
C SER B 67 -18.10 -23.69 -38.21
N ALA B 68 -19.17 -22.94 -37.92
CA ALA B 68 -19.57 -22.64 -36.55
C ALA B 68 -19.99 -23.86 -35.73
N LYS B 69 -20.26 -24.98 -36.42
CA LYS B 69 -20.64 -26.24 -35.77
C LYS B 69 -19.65 -26.69 -34.70
N SER B 70 -18.37 -26.66 -35.04
CA SER B 70 -17.30 -27.03 -34.10
C SER B 70 -17.39 -26.18 -32.83
N LEU B 71 -17.60 -24.88 -33.02
CA LEU B 71 -17.64 -23.90 -31.94
C LEU B 71 -18.84 -24.07 -31.03
N TRP B 72 -20.05 -24.06 -31.60
CA TRP B 72 -21.28 -24.18 -30.79
C TRP B 72 -21.30 -25.48 -29.99
N ALA B 73 -20.75 -26.55 -30.57
CA ALA B 73 -20.64 -27.84 -29.89
C ALA B 73 -19.79 -27.73 -28.63
N LYS B 74 -18.70 -26.97 -28.72
CA LYS B 74 -17.83 -26.71 -27.58
C LYS B 74 -18.51 -25.86 -26.51
N LEU B 75 -19.24 -24.84 -26.95
CA LEU B 75 -19.90 -23.90 -26.04
C LEU B 75 -21.14 -24.50 -25.36
N ASP B 76 -21.89 -25.29 -26.11
CA ASP B 76 -23.08 -25.96 -25.57
C ASP B 76 -22.70 -27.07 -24.61
N LYS B 77 -21.52 -27.66 -24.82
CA LYS B 77 -20.96 -28.68 -23.94
C LYS B 77 -20.78 -28.12 -22.53
N ARG B 78 -20.41 -26.85 -22.46
CA ARG B 78 -20.22 -26.16 -21.18
C ARG B 78 -21.55 -25.73 -20.56
N ALA B 79 -22.42 -25.09 -21.35
CA ALA B 79 -23.76 -24.72 -20.89
C ALA B 79 -24.59 -25.96 -20.50
N SER B 80 -24.19 -27.11 -21.02
CA SER B 80 -24.79 -28.38 -20.63
C SER B 80 -24.39 -28.80 -19.22
N GLN B 81 -23.19 -28.41 -18.80
CA GLN B 81 -22.71 -28.68 -17.44
C GLN B 81 -23.82 -28.34 -16.44
N PRO B 82 -24.24 -29.35 -15.66
CA PRO B 82 -25.37 -29.27 -14.73
C PRO B 82 -25.35 -28.05 -13.81
N VAL B 83 -24.15 -27.63 -13.41
CA VAL B 83 -23.96 -26.52 -12.46
C VAL B 83 -24.65 -25.22 -12.89
N TYR B 84 -24.54 -24.90 -14.18
CA TYR B 84 -25.12 -23.68 -14.75
C TYR B 84 -26.65 -23.72 -14.79
N GLN B 85 -27.21 -24.92 -14.84
CA GLN B 85 -28.66 -25.17 -14.92
C GLN B 85 -29.30 -24.61 -16.21
N GLN B 86 -28.59 -24.75 -17.32
CA GLN B 86 -29.04 -24.25 -18.63
C GLN B 86 -29.56 -22.81 -18.57
N GLY B 87 -28.72 -21.92 -18.03
CA GLY B 87 -29.01 -20.50 -17.95
C GLY B 87 -30.05 -20.09 -16.92
N GLN B 88 -30.36 -20.98 -15.97
CA GLN B 88 -31.42 -20.72 -15.00
C GLN B 88 -30.94 -20.39 -13.59
N ALA B 89 -29.70 -20.79 -13.26
CA ALA B 89 -29.15 -20.58 -11.92
C ALA B 89 -29.24 -19.13 -11.45
N CYS B 90 -28.65 -18.22 -12.21
CA CYS B 90 -28.58 -16.82 -11.83
C CYS B 90 -29.46 -15.97 -12.73
N THR B 91 -30.73 -16.35 -12.84
CA THR B 91 -31.63 -15.79 -13.85
C THR B 91 -32.22 -14.42 -13.49
N ASN B 92 -31.97 -13.96 -12.26
CA ASN B 92 -32.50 -12.68 -11.79
C ASN B 92 -31.43 -11.73 -11.28
N THR B 93 -30.22 -12.26 -11.11
CA THR B 93 -29.09 -11.45 -10.66
C THR B 93 -28.51 -10.63 -11.80
N LYS B 94 -28.09 -9.41 -11.47
CA LYS B 94 -27.51 -8.51 -12.45
C LYS B 94 -26.09 -8.18 -12.03
N CYS B 95 -25.19 -8.20 -13.00
CA CYS B 95 -23.76 -8.03 -12.74
C CYS B 95 -23.24 -6.72 -13.31
N LEU B 96 -22.31 -6.12 -12.60
CA LEU B 96 -21.40 -5.17 -13.20
C LEU B 96 -20.00 -5.72 -13.08
N VAL B 97 -19.27 -5.73 -14.19
CA VAL B 97 -17.87 -6.16 -14.17
C VAL B 97 -16.98 -5.00 -14.57
N VAL B 98 -15.88 -4.82 -13.83
CA VAL B 98 -14.87 -3.82 -14.15
C VAL B 98 -13.64 -4.53 -14.71
N GLY B 99 -13.34 -4.29 -15.99
CA GLY B 99 -12.12 -4.81 -16.62
C GLY B 99 -12.28 -5.73 -17.81
N ALA B 100 -11.64 -5.37 -18.92
CA ALA B 100 -11.58 -6.24 -20.10
C ALA B 100 -10.26 -7.01 -20.15
N GLY B 101 -9.70 -7.26 -18.96
CA GLY B 101 -8.49 -8.06 -18.84
C GLY B 101 -8.92 -9.50 -18.91
N PRO B 102 -7.96 -10.43 -19.12
CA PRO B 102 -8.33 -11.83 -19.33
C PRO B 102 -9.32 -12.31 -18.29
N CYS B 103 -9.05 -12.01 -17.03
CA CYS B 103 -9.86 -12.48 -15.91
C CYS B 103 -11.22 -11.82 -15.85
N GLY B 104 -11.26 -10.50 -16.09
CA GLY B 104 -12.50 -9.73 -16.15
C GLY B 104 -13.50 -10.30 -17.13
N LEU B 105 -12.99 -10.73 -18.29
CA LEU B 105 -13.82 -11.32 -19.32
C LEU B 105 -14.25 -12.74 -18.97
N ARG B 106 -13.27 -13.56 -18.55
CA ARG B 106 -13.52 -14.94 -18.18
C ARG B 106 -14.59 -15.07 -17.11
N ALA B 107 -14.46 -14.24 -16.05
CA ALA B 107 -15.47 -14.19 -15.00
C ALA B 107 -16.84 -13.89 -15.60
N ALA B 108 -16.90 -12.87 -16.47
CA ALA B 108 -18.14 -12.51 -17.16
C ALA B 108 -18.72 -13.66 -17.98
N VAL B 109 -17.85 -14.42 -18.66
CA VAL B 109 -18.26 -15.60 -19.41
C VAL B 109 -19.00 -16.56 -18.47
N GLU B 110 -18.43 -16.78 -17.30
CA GLU B 110 -19.03 -17.65 -16.30
C GLU B 110 -20.34 -17.08 -15.75
N LEU B 111 -20.39 -15.76 -15.62
CA LEU B 111 -21.61 -15.07 -15.18
C LEU B 111 -22.72 -15.19 -16.22
N ALA B 112 -22.33 -15.13 -17.51
CA ALA B 112 -23.28 -15.25 -18.60
C ALA B 112 -23.82 -16.68 -18.71
N LEU B 113 -22.93 -17.66 -18.61
CA LEU B 113 -23.30 -19.07 -18.68
C LEU B 113 -24.22 -19.48 -17.54
N LEU B 114 -24.04 -18.85 -16.39
CA LEU B 114 -24.92 -19.06 -15.24
C LEU B 114 -26.31 -18.46 -15.44
N GLY B 115 -26.41 -17.47 -16.32
CA GLY B 115 -27.70 -16.88 -16.69
C GLY B 115 -27.92 -15.43 -16.27
N ALA B 116 -26.91 -14.82 -15.67
CA ALA B 116 -27.03 -13.45 -15.19
C ALA B 116 -26.99 -12.43 -16.33
N ARG B 117 -27.59 -11.26 -16.07
CA ARG B 117 -27.39 -10.07 -16.90
C ARG B 117 -25.97 -9.59 -16.59
N VAL B 118 -25.16 -9.47 -17.64
CA VAL B 118 -23.76 -9.10 -17.44
C VAL B 118 -23.42 -7.82 -18.21
N VAL B 119 -23.21 -6.74 -17.46
CA VAL B 119 -22.78 -5.48 -18.04
C VAL B 119 -21.34 -5.28 -17.64
N LEU B 120 -20.49 -4.94 -18.61
CA LEU B 120 -19.06 -4.82 -18.38
C LEU B 120 -18.51 -3.47 -18.83
N VAL B 121 -17.80 -2.79 -17.93
CA VAL B 121 -17.18 -1.51 -18.26
C VAL B 121 -15.66 -1.60 -18.36
N GLU B 122 -15.09 -0.83 -19.28
CA GLU B 122 -13.66 -0.89 -19.55
C GLU B 122 -13.08 0.49 -19.85
N LYS B 123 -12.11 0.87 -19.02
CA LYS B 123 -11.45 2.17 -19.08
C LYS B 123 -10.75 2.49 -20.41
N ARG B 124 -10.16 1.47 -21.04
CA ARG B 124 -9.40 1.68 -22.27
C ARG B 124 -10.19 1.29 -23.53
N ILE B 125 -9.61 1.54 -24.70
CA ILE B 125 -10.30 1.31 -25.97
C ILE B 125 -9.49 0.45 -26.95
N LYS B 126 -8.55 -0.31 -26.41
CA LYS B 126 -7.69 -1.20 -27.21
C LYS B 126 -7.00 -2.28 -26.38
N PHE B 127 -6.84 -3.45 -26.97
CA PHE B 127 -5.98 -4.49 -26.42
C PHE B 127 -4.61 -4.33 -27.06
N SER B 128 -3.64 -3.86 -26.28
CA SER B 128 -2.35 -3.45 -26.85
C SER B 128 -1.10 -4.11 -26.24
N ARG B 129 -1.27 -4.83 -25.14
CA ARG B 129 -0.16 -5.48 -24.45
C ARG B 129 0.31 -6.75 -25.21
N HIS B 130 1.58 -6.77 -25.61
CA HIS B 130 2.14 -7.91 -26.36
C HIS B 130 2.78 -8.98 -25.48
N ASN B 131 2.71 -8.79 -24.16
CA ASN B 131 3.42 -9.63 -23.21
C ASN B 131 2.90 -11.05 -23.15
N VAL B 132 3.82 -12.01 -23.25
CA VAL B 132 3.47 -13.42 -23.26
C VAL B 132 3.27 -13.94 -21.84
N LEU B 133 2.09 -14.50 -21.60
CA LEU B 133 1.75 -15.11 -20.34
C LEU B 133 1.92 -16.62 -20.43
N HIS B 134 2.44 -17.22 -19.35
CA HIS B 134 2.55 -18.67 -19.26
C HIS B 134 1.26 -19.26 -18.71
N LEU B 135 0.81 -20.35 -19.35
CA LEU B 135 -0.44 -20.99 -19.00
C LEU B 135 -0.23 -22.34 -18.32
N TRP B 136 -1.16 -22.68 -17.43
CA TRP B 136 -1.21 -24.00 -16.81
C TRP B 136 -2.02 -24.95 -17.69
N PRO B 137 -1.74 -26.27 -17.62
CA PRO B 137 -2.54 -27.26 -18.34
C PRO B 137 -4.05 -27.03 -18.20
N PHE B 138 -4.50 -26.69 -16.99
CA PHE B 138 -5.89 -26.36 -16.71
C PHE B 138 -6.39 -25.17 -17.55
N THR B 139 -5.56 -24.14 -17.65
CA THR B 139 -5.90 -22.97 -18.44
C THR B 139 -5.89 -23.28 -19.94
N ILE B 140 -4.89 -24.05 -20.38
CA ILE B 140 -4.82 -24.47 -21.78
C ILE B 140 -6.12 -25.18 -22.19
N HIS B 141 -6.52 -26.18 -21.40
CA HIS B 141 -7.74 -26.92 -21.66
C HIS B 141 -8.97 -26.04 -21.62
N ASP B 142 -9.06 -25.17 -20.61
CA ASP B 142 -10.20 -24.27 -20.47
C ASP B 142 -10.39 -23.42 -21.73
N LEU B 143 -9.31 -22.85 -22.24
CA LEU B 143 -9.36 -22.06 -23.47
C LEU B 143 -9.66 -22.94 -24.68
N ARG B 144 -9.03 -24.10 -24.75
CA ARG B 144 -9.31 -25.08 -25.80
C ARG B 144 -10.80 -25.44 -25.85
N ALA B 145 -11.42 -25.55 -24.66
CA ALA B 145 -12.82 -25.96 -24.52
C ALA B 145 -13.79 -24.80 -24.73
N LEU B 146 -13.29 -23.58 -24.67
CA LEU B 146 -14.09 -22.40 -24.99
C LEU B 146 -13.98 -22.09 -26.48
N GLY B 147 -13.16 -22.87 -27.17
CA GLY B 147 -13.03 -22.80 -28.63
C GLY B 147 -11.90 -21.91 -29.11
N ALA B 148 -10.85 -21.78 -28.31
CA ALA B 148 -9.69 -20.95 -28.64
C ALA B 148 -9.11 -21.26 -30.02
N LYS B 149 -9.27 -22.50 -30.45
CA LYS B 149 -8.80 -22.96 -31.76
C LYS B 149 -9.40 -22.15 -32.92
N LYS B 150 -10.73 -22.05 -32.95
CA LYS B 150 -11.44 -21.35 -34.02
C LYS B 150 -10.97 -19.90 -34.15
N PHE B 151 -10.98 -19.18 -33.02
CA PHE B 151 -10.59 -17.77 -32.99
C PHE B 151 -9.09 -17.54 -33.22
N TYR B 152 -8.29 -18.58 -32.95
CA TYR B 152 -6.85 -18.41 -32.85
C TYR B 152 -6.10 -19.68 -33.26
N GLY B 153 -5.47 -19.64 -34.43
CA GLY B 153 -4.72 -20.76 -34.97
C GLY B 153 -3.40 -20.97 -34.26
N ARG B 154 -2.70 -19.87 -33.97
CA ARG B 154 -1.39 -19.90 -33.32
C ARG B 154 -1.52 -20.14 -31.80
N PHE B 155 -2.47 -20.98 -31.41
CA PHE B 155 -2.67 -21.34 -30.02
C PHE B 155 -1.74 -22.48 -29.62
N CYS B 156 -1.48 -22.61 -28.32
CA CYS B 156 -0.60 -23.64 -27.74
C CYS B 156 -0.20 -24.72 -28.75
N THR B 157 0.98 -24.54 -29.31
CA THR B 157 1.42 -25.29 -30.49
C THR B 157 2.69 -26.10 -30.21
N GLY B 158 2.69 -27.36 -30.62
CA GLY B 158 3.81 -28.27 -30.36
C GLY B 158 3.81 -28.73 -28.91
N THR B 159 4.59 -28.04 -28.09
CA THR B 159 4.58 -28.25 -26.63
C THR B 159 4.47 -26.92 -25.89
N LEU B 160 4.14 -25.85 -26.63
CA LEU B 160 4.03 -24.51 -26.05
C LEU B 160 2.81 -24.36 -25.17
N ASP B 161 3.01 -23.69 -24.03
CA ASP B 161 1.94 -23.43 -23.07
C ASP B 161 1.91 -21.95 -22.69
N HIS B 162 1.80 -21.09 -23.71
CA HIS B 162 1.83 -19.64 -23.52
C HIS B 162 1.03 -18.82 -24.54
N ILE B 163 0.60 -17.63 -24.14
CA ILE B 163 -0.19 -16.72 -24.99
C ILE B 163 0.05 -15.26 -24.63
N SER B 164 0.10 -14.38 -25.65
CA SER B 164 0.20 -12.94 -25.41
C SER B 164 -1.12 -12.40 -24.87
N ILE B 165 -1.04 -11.40 -23.98
CA ILE B 165 -2.22 -10.92 -23.27
C ILE B 165 -3.35 -10.49 -24.19
N ARG B 166 -3.00 -9.83 -25.29
CA ARG B 166 -4.03 -9.37 -26.23
C ARG B 166 -4.66 -10.52 -27.03
N GLN B 167 -3.88 -11.54 -27.35
CA GLN B 167 -4.44 -12.73 -27.99
C GLN B 167 -5.40 -13.45 -27.06
N LEU B 168 -5.06 -13.49 -25.78
CA LEU B 168 -5.94 -14.00 -24.75
C LEU B 168 -7.15 -13.09 -24.52
N GLN B 169 -6.94 -11.78 -24.61
CA GLN B 169 -8.03 -10.81 -24.44
C GLN B 169 -9.04 -10.87 -25.59
N LEU B 170 -8.53 -10.95 -26.82
CA LEU B 170 -9.38 -11.00 -28.01
C LEU B 170 -10.32 -12.20 -27.97
N LEU B 171 -9.78 -13.38 -27.72
CA LEU B 171 -10.55 -14.61 -27.79
C LEU B 171 -11.63 -14.67 -26.71
N LEU B 172 -11.29 -14.22 -25.50
CA LEU B 172 -12.26 -14.16 -24.41
C LEU B 172 -13.33 -13.12 -24.71
N LEU B 173 -12.95 -12.03 -25.36
CA LEU B 173 -13.90 -11.02 -25.81
C LEU B 173 -14.91 -11.66 -26.76
N LYS B 174 -14.40 -12.29 -27.81
CA LYS B 174 -15.25 -12.94 -28.78
C LYS B 174 -16.25 -13.87 -28.09
N VAL B 175 -15.73 -14.73 -27.21
CA VAL B 175 -16.57 -15.67 -26.48
C VAL B 175 -17.61 -14.94 -25.63
N ALA B 176 -17.19 -13.88 -24.96
CA ALA B 176 -18.08 -13.08 -24.12
C ALA B 176 -19.23 -12.44 -24.89
N LEU B 177 -18.93 -11.82 -26.03
CA LEU B 177 -19.93 -11.17 -26.88
C LEU B 177 -20.98 -12.18 -27.38
N LEU B 178 -20.49 -13.31 -27.86
CA LEU B 178 -21.33 -14.40 -28.36
C LEU B 178 -22.30 -14.89 -27.30
N LEU B 179 -21.89 -14.82 -26.05
CA LEU B 179 -22.73 -15.24 -24.93
C LEU B 179 -23.62 -14.13 -24.39
N GLY B 180 -23.66 -13.01 -25.11
CA GLY B 180 -24.59 -11.92 -24.83
C GLY B 180 -24.22 -11.04 -23.65
N VAL B 181 -22.92 -10.78 -23.48
CA VAL B 181 -22.44 -9.84 -22.47
C VAL B 181 -22.43 -8.44 -23.08
N GLU B 182 -22.92 -7.45 -22.32
CA GLU B 182 -22.95 -6.07 -22.76
C GLU B 182 -21.67 -5.36 -22.32
N ILE B 183 -20.94 -4.81 -23.28
CA ILE B 183 -19.62 -4.24 -23.01
C ILE B 183 -19.53 -2.77 -23.38
N HIS B 184 -19.06 -1.98 -22.43
CA HIS B 184 -18.93 -0.53 -22.57
C HIS B 184 -17.47 -0.12 -22.46
N TRP B 185 -17.01 0.65 -23.42
CA TRP B 185 -15.60 0.98 -23.56
C TRP B 185 -15.27 2.42 -23.17
N GLY B 186 -13.99 2.70 -22.96
CA GLY B 186 -13.52 4.03 -22.59
C GLY B 186 -14.33 4.69 -21.48
N VAL B 187 -14.73 3.88 -20.49
CA VAL B 187 -15.46 4.37 -19.33
C VAL B 187 -14.80 3.89 -18.05
N LYS B 188 -14.42 4.82 -17.19
CA LYS B 188 -13.78 4.46 -15.94
C LYS B 188 -14.80 4.36 -14.79
N PHE B 189 -14.88 3.18 -14.20
CA PHE B 189 -15.58 2.97 -12.95
C PHE B 189 -14.81 3.69 -11.86
N THR B 190 -15.48 4.53 -11.07
CA THR B 190 -14.80 5.26 -10.00
C THR B 190 -15.39 5.01 -8.62
N GLY B 191 -16.49 4.27 -8.56
CA GLY B 191 -17.13 3.93 -7.29
C GLY B 191 -18.60 3.58 -7.42
N LEU B 192 -19.32 3.72 -6.31
CA LEU B 192 -20.74 3.37 -6.28
C LEU B 192 -21.62 4.55 -5.89
N GLN B 193 -22.81 4.58 -6.47
CA GLN B 193 -23.89 5.44 -6.01
C GLN B 193 -24.81 4.59 -5.12
N PRO B 194 -24.69 4.74 -3.79
CA PRO B 194 -25.53 3.98 -2.88
C PRO B 194 -27.02 4.25 -3.11
N PRO B 195 -27.89 3.25 -2.87
CA PRO B 195 -29.33 3.44 -2.99
C PRO B 195 -29.78 4.59 -2.09
N PRO B 196 -30.46 5.60 -2.67
CA PRO B 196 -30.84 6.78 -1.89
C PRO B 196 -32.07 6.58 -1.00
N ARG B 197 -32.95 5.65 -1.38
CA ARG B 197 -34.18 5.40 -0.62
C ARG B 197 -34.60 3.93 -0.68
N LYS B 198 -35.66 3.60 0.07
CA LYS B 198 -36.24 2.25 0.12
C LYS B 198 -36.69 1.75 -1.26
N GLY B 199 -36.41 0.49 -1.53
CA GLY B 199 -36.89 -0.18 -2.75
C GLY B 199 -36.01 -0.06 -3.99
N SER B 200 -34.87 0.62 -3.85
CA SER B 200 -33.96 0.86 -4.98
C SER B 200 -32.92 -0.24 -5.13
N GLY B 201 -32.00 -0.05 -6.08
CA GLY B 201 -30.87 -0.96 -6.31
C GLY B 201 -29.58 -0.18 -6.48
N TRP B 202 -28.45 -0.88 -6.33
CA TRP B 202 -27.14 -0.23 -6.41
C TRP B 202 -26.76 0.15 -7.84
N ARG B 203 -26.22 1.36 -7.99
CA ARG B 203 -25.72 1.88 -9.26
C ARG B 203 -24.25 2.27 -9.16
N ALA B 204 -23.58 2.38 -10.31
CA ALA B 204 -22.15 2.67 -10.35
C ALA B 204 -21.84 4.14 -10.60
N GLN B 205 -20.63 4.55 -10.22
CA GLN B 205 -20.09 5.88 -10.51
C GLN B 205 -19.11 5.74 -11.68
N LEU B 206 -19.35 6.50 -12.74
CA LEU B 206 -18.64 6.27 -14.01
C LEU B 206 -18.11 7.56 -14.66
N GLN B 207 -17.04 7.43 -15.44
CA GLN B 207 -16.28 8.56 -15.95
C GLN B 207 -15.81 8.36 -17.39
N PRO B 208 -16.22 9.26 -18.31
CA PRO B 208 -17.09 10.41 -18.06
C PRO B 208 -18.52 9.96 -17.80
N ASN B 209 -19.31 10.82 -17.18
CA ASN B 209 -20.71 10.50 -16.88
C ASN B 209 -21.37 9.79 -18.07
N PRO B 210 -21.82 8.54 -17.84
CA PRO B 210 -22.24 7.66 -18.92
C PRO B 210 -23.59 8.07 -19.50
N PRO B 211 -23.90 7.67 -20.75
CA PRO B 211 -25.22 7.95 -21.31
C PRO B 211 -26.33 7.33 -20.46
N ALA B 212 -27.56 7.78 -20.66
CA ALA B 212 -28.69 7.45 -19.78
C ALA B 212 -28.82 5.97 -19.42
N GLN B 213 -28.67 5.10 -20.41
CA GLN B 213 -28.89 3.66 -20.20
C GLN B 213 -27.93 3.09 -19.16
N LEU B 214 -26.62 3.17 -19.45
CA LEU B 214 -25.60 2.65 -18.55
C LEU B 214 -25.63 3.32 -17.18
N ALA B 215 -25.87 4.63 -17.16
CA ALA B 215 -25.99 5.40 -15.92
C ALA B 215 -27.02 4.76 -14.98
N SER B 216 -28.19 4.47 -15.51
CA SER B 216 -29.32 3.98 -14.73
C SER B 216 -29.27 2.47 -14.45
N TYR B 217 -28.23 1.80 -14.93
CA TYR B 217 -28.11 0.35 -14.78
C TYR B 217 -27.88 -0.06 -13.33
N GLU B 218 -28.69 -1.01 -12.88
CA GLU B 218 -28.62 -1.50 -11.50
C GLU B 218 -28.12 -2.94 -11.41
N PHE B 219 -27.38 -3.23 -10.34
CA PHE B 219 -26.81 -4.55 -10.14
C PHE B 219 -26.74 -4.92 -8.65
N ASP B 220 -26.93 -6.21 -8.36
CA ASP B 220 -26.75 -6.74 -7.02
C ASP B 220 -25.37 -7.40 -6.90
N VAL B 221 -24.73 -7.62 -8.04
CA VAL B 221 -23.38 -8.19 -8.09
C VAL B 221 -22.41 -7.21 -8.74
N LEU B 222 -21.35 -6.84 -8.01
CA LEU B 222 -20.23 -6.07 -8.56
C LEU B 222 -18.97 -6.89 -8.51
N ILE B 223 -18.37 -7.13 -9.67
CA ILE B 223 -17.16 -7.93 -9.78
C ILE B 223 -16.00 -7.10 -10.36
N SER B 224 -15.02 -6.84 -9.51
CA SER B 224 -13.91 -5.94 -9.84
C SER B 224 -12.69 -6.72 -10.32
N ALA B 225 -12.33 -6.50 -11.58
CA ALA B 225 -11.19 -7.15 -12.20
C ALA B 225 -10.25 -6.13 -12.83
N ALA B 226 -10.25 -4.93 -12.25
CA ALA B 226 -9.44 -3.80 -12.70
C ALA B 226 -7.94 -4.01 -12.53
N GLY B 227 -7.52 -5.25 -12.29
CA GLY B 227 -6.12 -5.60 -12.05
C GLY B 227 -5.46 -4.77 -10.97
N GLY B 228 -4.20 -4.41 -11.20
CA GLY B 228 -3.54 -3.35 -10.43
C GLY B 228 -3.51 -3.56 -8.92
N LYS B 229 -3.69 -2.51 -8.11
CA LYS B 229 -3.87 -1.07 -8.44
C LYS B 229 -5.27 -0.47 -8.21
N PHE B 230 -6.32 -1.24 -8.44
CA PHE B 230 -7.69 -0.82 -8.05
C PHE B 230 -8.44 -2.04 -7.49
N VAL B 231 -8.75 -2.12 -6.19
CA VAL B 231 -8.84 -1.05 -5.17
C VAL B 231 -10.23 -0.38 -5.16
N PRO B 232 -11.29 -1.17 -4.83
CA PRO B 232 -12.60 -0.58 -4.57
C PRO B 232 -12.79 -0.34 -3.07
N GLU B 233 -13.54 0.71 -2.73
CA GLU B 233 -13.76 1.10 -1.33
C GLU B 233 -14.14 -0.07 -0.44
N GLY B 234 -13.68 -0.03 0.81
CA GLY B 234 -14.00 -1.08 1.78
C GLY B 234 -12.98 -2.20 1.84
N PHE B 235 -12.59 -2.69 0.67
CA PHE B 235 -11.60 -3.77 0.57
C PHE B 235 -10.23 -3.35 1.11
N THR B 236 -9.82 -4.02 2.18
CA THR B 236 -8.51 -3.79 2.79
C THR B 236 -7.47 -4.65 2.08
N ILE B 237 -6.39 -3.99 1.65
CA ILE B 237 -5.29 -4.64 0.95
C ILE B 237 -4.11 -4.76 1.92
N ARG B 238 -3.21 -5.70 1.65
CA ARG B 238 -2.00 -5.86 2.48
C ARG B 238 -0.73 -6.05 1.66
N GLU B 239 0.38 -5.57 2.23
CA GLU B 239 1.62 -5.33 1.48
C GLU B 239 2.86 -5.87 2.18
N MET B 240 3.51 -6.87 1.58
CA MET B 240 4.83 -7.28 2.04
C MET B 240 5.91 -6.80 1.08
N ARG B 241 6.71 -5.84 1.56
CA ARG B 241 7.82 -5.32 0.79
C ARG B 241 9.09 -6.06 1.18
N GLY B 242 9.85 -6.48 0.19
CA GLY B 242 11.04 -7.28 0.45
C GLY B 242 12.18 -7.04 -0.52
N LYS B 243 12.88 -8.12 -0.84
CA LYS B 243 13.98 -8.12 -1.80
C LYS B 243 13.72 -7.14 -2.93
N LEU B 244 14.62 -6.16 -3.07
CA LEU B 244 14.55 -5.23 -4.18
C LEU B 244 14.83 -5.96 -5.48
N ALA B 245 13.78 -6.18 -6.27
CA ALA B 245 13.90 -6.88 -7.54
C ALA B 245 13.36 -6.05 -8.69
N ILE B 246 14.19 -5.85 -9.70
CA ILE B 246 13.80 -5.07 -10.87
C ILE B 246 13.69 -5.97 -12.10
N GLY B 247 12.51 -5.97 -12.72
CA GLY B 247 12.28 -6.73 -13.93
C GLY B 247 12.36 -5.88 -15.19
N ILE B 248 12.81 -6.48 -16.28
CA ILE B 248 12.81 -5.83 -17.58
C ILE B 248 12.17 -6.80 -18.57
N THR B 249 11.22 -6.28 -19.34
CA THR B 249 10.53 -7.07 -20.38
C THR B 249 10.81 -6.49 -21.75
N ALA B 250 10.94 -7.37 -22.75
CA ALA B 250 11.27 -6.93 -24.11
C ALA B 250 10.53 -7.73 -25.18
N ASN B 251 10.10 -7.04 -26.23
CA ASN B 251 9.38 -7.65 -27.35
C ASN B 251 9.95 -7.20 -28.69
N PHE B 252 10.54 -8.15 -29.42
CA PHE B 252 11.09 -7.88 -30.74
C PHE B 252 10.22 -8.55 -31.80
N VAL B 253 10.27 -8.03 -33.03
CA VAL B 253 9.47 -8.55 -34.13
C VAL B 253 9.94 -9.96 -34.54
N ASN B 254 8.98 -10.82 -34.83
CA ASN B 254 9.23 -12.19 -35.25
C ASN B 254 8.92 -12.39 -36.74
N GLY B 255 9.98 -12.55 -37.54
CA GLY B 255 9.85 -12.71 -38.99
C GLY B 255 9.33 -14.06 -39.42
N ARG B 256 9.34 -15.02 -38.49
CA ARG B 256 8.76 -16.36 -38.67
C ARG B 256 9.41 -17.20 -39.78
N THR B 257 10.72 -17.06 -39.93
CA THR B 257 11.47 -17.79 -40.96
C THR B 257 12.21 -19.00 -40.39
N VAL B 258 12.57 -19.93 -41.27
CA VAL B 258 13.06 -21.28 -40.90
C VAL B 258 14.25 -21.29 -39.93
N GLU B 259 15.22 -20.39 -40.13
CA GLU B 259 16.36 -20.26 -39.23
C GLU B 259 16.12 -19.33 -38.05
N GLU B 260 15.05 -18.53 -38.13
CA GLU B 260 14.67 -17.63 -37.04
C GLU B 260 13.67 -18.30 -36.09
N THR B 261 13.15 -19.46 -36.51
CA THR B 261 12.18 -20.20 -35.71
C THR B 261 12.76 -21.50 -35.13
N GLN B 262 14.09 -21.60 -35.13
CA GLN B 262 14.76 -22.80 -34.64
C GLN B 262 15.46 -22.55 -33.30
N VAL B 263 15.45 -21.30 -32.85
CA VAL B 263 16.04 -20.93 -31.56
C VAL B 263 15.14 -21.42 -30.42
N PRO B 264 15.66 -22.33 -29.57
CA PRO B 264 14.91 -22.90 -28.46
C PRO B 264 14.55 -21.87 -27.38
N GLU B 265 13.64 -22.25 -26.49
CA GLU B 265 13.15 -21.36 -25.44
C GLU B 265 13.88 -21.59 -24.11
N ILE B 266 13.87 -20.56 -23.26
CA ILE B 266 14.45 -20.65 -21.92
C ILE B 266 13.35 -20.84 -20.88
N SER B 267 13.42 -21.95 -20.15
CA SER B 267 12.44 -22.30 -19.13
C SER B 267 12.38 -21.29 -17.99
N GLY B 268 13.54 -20.98 -17.41
CA GLY B 268 13.64 -20.03 -16.30
C GLY B 268 15.07 -19.78 -15.86
N TYR B 273 22.23 -16.64 -10.74
CA TYR B 273 23.24 -17.07 -9.76
C TYR B 273 23.36 -18.60 -9.68
N ASN B 274 23.00 -19.28 -10.78
CA ASN B 274 23.01 -20.74 -10.82
C ASN B 274 23.80 -21.33 -11.99
N GLN B 275 23.37 -21.01 -13.21
CA GLN B 275 23.94 -21.61 -14.43
C GLN B 275 25.28 -21.01 -14.86
N LYS B 276 25.83 -21.55 -15.95
CA LYS B 276 27.05 -21.05 -16.56
C LYS B 276 26.79 -19.77 -17.35
N PHE B 277 25.56 -19.60 -17.80
CA PHE B 277 25.18 -18.45 -18.62
C PHE B 277 25.19 -17.13 -17.85
N PHE B 278 24.86 -17.19 -16.55
CA PHE B 278 24.97 -16.02 -15.67
C PHE B 278 26.41 -15.55 -15.64
N GLN B 279 27.32 -16.49 -15.41
CA GLN B 279 28.76 -16.21 -15.32
C GLN B 279 29.40 -15.97 -16.68
N SER B 280 28.71 -16.35 -17.75
CA SER B 280 29.17 -16.06 -19.11
C SER B 280 28.54 -14.78 -19.68
N LEU B 281 27.52 -14.27 -18.97
CA LEU B 281 26.88 -13.00 -19.34
C LEU B 281 27.67 -11.80 -18.81
N LEU B 282 28.65 -12.07 -17.97
CA LEU B 282 29.58 -11.06 -17.46
C LEU B 282 30.57 -10.63 -18.54
N LYS B 283 30.74 -11.46 -19.56
CA LYS B 283 31.70 -11.21 -20.64
C LYS B 283 31.20 -10.13 -21.62
N ALA B 284 31.03 -10.52 -22.88
CA ALA B 284 30.59 -9.65 -23.98
C ALA B 284 30.28 -8.19 -23.61
N THR B 285 29.18 -7.96 -22.90
CA THR B 285 28.76 -6.61 -22.51
C THR B 285 28.82 -6.39 -21.00
N GLY B 286 28.71 -7.47 -20.23
CA GLY B 286 28.76 -7.40 -18.78
C GLY B 286 27.41 -7.07 -18.17
N ILE B 287 26.50 -8.04 -18.21
CA ILE B 287 25.15 -7.88 -17.66
C ILE B 287 24.91 -8.93 -16.58
N ASP B 288 24.53 -8.47 -15.39
CA ASP B 288 24.19 -9.36 -14.28
C ASP B 288 22.67 -9.54 -14.19
N LEU B 289 22.24 -10.79 -14.05
CA LEU B 289 20.83 -11.12 -13.89
C LEU B 289 20.62 -12.17 -12.81
N GLU B 290 19.49 -12.08 -12.10
CA GLU B 290 19.08 -13.12 -11.16
C GLU B 290 18.56 -14.33 -11.91
N ASN B 291 17.74 -14.08 -12.92
CA ASN B 291 17.23 -15.10 -13.85
C ASN B 291 16.59 -14.48 -15.10
N ILE B 292 16.66 -15.22 -16.22
CA ILE B 292 16.04 -14.80 -17.47
C ILE B 292 15.03 -15.83 -17.97
N VAL B 293 14.09 -15.38 -18.82
CA VAL B 293 13.10 -16.23 -19.47
C VAL B 293 12.91 -15.79 -20.92
N TYR B 294 12.67 -16.74 -21.82
CA TYR B 294 12.36 -16.44 -23.21
C TYR B 294 11.17 -17.25 -23.72
N TYR B 295 10.28 -16.59 -24.45
CA TYR B 295 9.19 -17.25 -25.16
C TYR B 295 9.14 -16.81 -26.61
N LYS B 296 9.02 -17.78 -27.51
CA LYS B 296 8.82 -17.49 -28.92
C LYS B 296 7.32 -17.56 -29.22
N ASP B 297 6.69 -16.39 -29.29
CA ASP B 297 5.25 -16.28 -29.45
C ASP B 297 4.94 -15.53 -30.74
N GLU B 298 4.02 -14.57 -30.67
CA GLU B 298 3.72 -13.68 -31.79
C GLU B 298 4.92 -12.74 -31.98
N THR B 299 5.48 -12.32 -30.85
CA THR B 299 6.70 -11.53 -30.82
C THR B 299 7.79 -12.34 -30.10
N HIS B 300 9.04 -11.99 -30.34
CA HIS B 300 10.15 -12.60 -29.62
C HIS B 300 10.22 -12.01 -28.22
N TYR B 301 9.77 -12.79 -27.25
CA TYR B 301 9.55 -12.30 -25.89
C TYR B 301 10.67 -12.66 -24.91
N PHE B 302 11.12 -11.66 -24.15
CA PHE B 302 12.13 -11.85 -23.12
C PHE B 302 11.70 -11.15 -21.83
N VAL B 303 11.76 -11.87 -20.71
CA VAL B 303 11.53 -11.27 -19.40
C VAL B 303 12.66 -11.66 -18.44
N MET B 304 13.36 -10.64 -17.94
CA MET B 304 14.54 -10.84 -17.12
C MET B 304 14.52 -10.04 -15.83
N THR B 305 15.10 -10.62 -14.78
CA THR B 305 15.28 -9.94 -13.51
C THR B 305 16.71 -9.42 -13.43
N ALA B 306 16.87 -8.11 -13.33
CA ALA B 306 18.19 -7.49 -13.20
C ALA B 306 18.40 -6.95 -11.79
N LYS B 307 19.64 -6.57 -11.48
CA LYS B 307 19.95 -5.98 -10.18
C LYS B 307 20.34 -4.51 -10.27
N LYS B 308 19.79 -3.72 -9.34
CA LYS B 308 19.99 -2.26 -9.28
C LYS B 308 21.40 -1.77 -9.66
N GLN B 309 22.43 -2.47 -9.17
CA GLN B 309 23.81 -2.04 -9.34
C GLN B 309 24.31 -2.13 -10.79
N CYS B 310 24.14 -3.29 -11.42
CA CYS B 310 24.56 -3.47 -12.81
C CYS B 310 23.76 -2.57 -13.75
N LEU B 311 22.51 -2.29 -13.38
CA LEU B 311 21.65 -1.36 -14.10
C LEU B 311 22.21 0.06 -14.02
N LEU B 312 22.72 0.41 -12.84
CA LEU B 312 23.30 1.73 -12.60
C LEU B 312 24.63 1.92 -13.33
N ARG B 313 25.49 0.90 -13.27
CA ARG B 313 26.81 0.96 -13.91
C ARG B 313 26.70 1.03 -15.43
N LEU B 314 25.81 0.21 -16.00
CA LEU B 314 25.58 0.20 -17.45
C LEU B 314 24.73 1.39 -17.92
N GLY B 315 24.37 2.26 -16.97
CA GLY B 315 23.71 3.52 -17.29
C GLY B 315 22.24 3.45 -17.61
N VAL B 316 21.60 2.33 -17.25
CA VAL B 316 20.15 2.17 -17.39
C VAL B 316 19.43 3.09 -16.40
N LEU B 317 19.93 3.11 -15.17
CA LEU B 317 19.46 4.05 -14.17
C LEU B 317 20.48 5.18 -14.04
N ARG B 318 20.03 6.40 -14.35
CA ARG B 318 20.88 7.59 -14.23
C ARG B 318 21.27 7.88 -12.78
N GLN B 319 20.34 7.62 -11.86
CA GLN B 319 20.56 7.88 -10.43
C GLN B 319 19.99 6.77 -9.55
N ASP B 320 20.70 6.49 -8.46
CA ASP B 320 20.21 5.61 -7.40
C ASP B 320 19.14 6.34 -6.62
N LEU B 321 18.12 5.62 -6.20
CA LEU B 321 17.05 6.17 -5.37
C LEU B 321 16.51 5.14 -4.38
N SER B 322 16.21 5.62 -3.18
CA SER B 322 15.60 4.81 -2.14
C SER B 322 14.17 4.39 -2.51
N GLU B 323 13.43 5.32 -3.11
CA GLU B 323 12.05 5.08 -3.51
C GLU B 323 11.96 4.38 -4.86
N THR B 324 11.42 3.17 -4.85
CA THR B 324 11.33 2.33 -6.05
C THR B 324 10.37 2.91 -7.11
N ASP B 325 9.27 3.49 -6.64
CA ASP B 325 8.30 4.15 -7.51
C ASP B 325 8.93 5.32 -8.28
N GLN B 326 10.00 5.89 -7.71
CA GLN B 326 10.72 6.97 -8.36
C GLN B 326 11.98 6.46 -9.07
N LEU B 327 12.58 5.39 -8.54
CA LEU B 327 13.76 4.76 -9.13
C LEU B 327 13.45 4.24 -10.54
N LEU B 328 12.25 3.69 -10.70
CA LEU B 328 11.84 3.14 -11.98
C LEU B 328 10.84 4.05 -12.70
N GLY B 329 10.73 5.29 -12.23
CA GLY B 329 9.92 6.32 -12.86
C GLY B 329 10.58 6.87 -14.12
N LYS B 330 9.78 7.53 -14.96
CA LYS B 330 10.19 7.96 -16.30
C LYS B 330 11.44 8.85 -16.35
N ALA B 331 11.60 9.71 -15.35
CA ALA B 331 12.74 10.62 -15.29
C ALA B 331 14.07 9.91 -15.04
N ASN B 332 14.01 8.78 -14.35
CA ASN B 332 15.21 8.05 -13.94
C ASN B 332 15.64 6.92 -14.89
N VAL B 333 14.66 6.32 -15.56
CA VAL B 333 14.94 5.23 -16.51
C VAL B 333 15.29 5.77 -17.91
N VAL B 334 16.55 5.58 -18.31
CA VAL B 334 17.00 5.99 -19.64
C VAL B 334 16.53 4.94 -20.66
N PRO B 335 15.69 5.37 -21.62
CA PRO B 335 15.15 4.42 -22.59
C PRO B 335 16.24 3.87 -23.51
N GLU B 336 17.16 4.74 -23.89
CA GLU B 336 18.28 4.40 -24.76
C GLU B 336 19.12 3.24 -24.23
N ALA B 337 19.63 3.39 -23.01
CA ALA B 337 20.43 2.36 -22.35
C ALA B 337 19.59 1.11 -22.07
N LEU B 338 18.33 1.32 -21.70
CA LEU B 338 17.38 0.24 -21.49
C LEU B 338 17.16 -0.55 -22.77
N GLN B 339 16.98 0.16 -23.88
CA GLN B 339 16.81 -0.46 -25.20
C GLN B 339 18.00 -1.37 -25.53
N ARG B 340 19.21 -0.86 -25.29
CA ARG B 340 20.44 -1.60 -25.58
C ARG B 340 20.72 -2.69 -24.54
N PHE B 341 20.17 -2.53 -23.33
CA PHE B 341 20.29 -3.54 -22.28
C PHE B 341 19.58 -4.82 -22.71
N ALA B 342 18.36 -4.66 -23.21
CA ALA B 342 17.54 -5.79 -23.64
C ALA B 342 18.11 -6.46 -24.89
N ARG B 343 18.45 -5.64 -25.88
CA ARG B 343 18.96 -6.12 -27.16
C ARG B 343 20.28 -6.88 -27.00
N ALA B 344 21.13 -6.40 -26.09
CA ALA B 344 22.37 -7.09 -25.77
C ALA B 344 22.10 -8.37 -24.98
N ALA B 345 21.18 -8.29 -24.03
CA ALA B 345 20.78 -9.45 -23.22
C ALA B 345 20.16 -10.54 -24.09
N ALA B 346 19.46 -10.10 -25.14
CA ALA B 346 18.86 -11.03 -26.10
C ALA B 346 19.91 -11.63 -27.05
N ASP B 347 20.87 -10.81 -27.48
CA ASP B 347 21.93 -11.25 -28.39
C ASP B 347 22.73 -12.43 -27.83
N PHE B 348 22.91 -12.44 -26.51
CA PHE B 348 23.55 -13.57 -25.83
C PHE B 348 22.57 -14.74 -25.68
N ALA B 349 21.38 -14.44 -25.17
CA ALA B 349 20.38 -15.46 -24.83
C ALA B 349 19.97 -16.34 -26.01
N THR B 350 20.06 -15.78 -27.22
CA THR B 350 19.77 -16.52 -28.45
C THR B 350 21.04 -16.91 -29.19
N HIS B 351 22.18 -16.41 -28.70
CA HIS B 351 23.50 -16.60 -29.32
C HIS B 351 23.59 -15.98 -30.71
N GLY B 352 22.98 -14.80 -30.86
CA GLY B 352 23.04 -14.01 -32.10
C GLY B 352 22.35 -14.65 -33.29
N LYS B 353 21.40 -15.54 -33.03
CA LYS B 353 20.70 -16.26 -34.09
C LYS B 353 19.47 -15.50 -34.60
N LEU B 354 19.08 -14.44 -33.88
CA LEU B 354 17.94 -13.62 -34.26
C LEU B 354 18.30 -12.55 -35.28
N GLY B 355 19.57 -12.14 -35.29
CA GLY B 355 20.07 -11.13 -36.22
C GLY B 355 19.68 -9.72 -35.78
N LYS B 356 19.37 -8.87 -36.76
CA LYS B 356 18.94 -7.50 -36.51
C LYS B 356 17.58 -7.51 -35.81
N LEU B 357 17.45 -6.70 -34.77
CA LEU B 357 16.25 -6.72 -33.94
C LEU B 357 15.51 -5.38 -33.91
N GLU B 358 14.31 -5.38 -34.49
CA GLU B 358 13.41 -4.26 -34.37
C GLU B 358 12.43 -4.58 -33.24
N PHE B 359 12.33 -3.67 -32.27
CA PHE B 359 11.38 -3.81 -31.18
C PHE B 359 9.95 -3.71 -31.72
N ALA B 360 9.03 -4.41 -31.07
CA ALA B 360 7.60 -4.25 -31.36
C ALA B 360 7.10 -2.91 -30.84
N GLN B 361 5.95 -2.47 -31.33
CA GLN B 361 5.32 -1.25 -30.85
C GLN B 361 4.55 -1.51 -29.57
N ASP B 362 4.78 -0.67 -28.55
CA ASP B 362 4.07 -0.76 -27.28
C ASP B 362 2.57 -0.52 -27.45
N ALA B 363 2.19 0.75 -27.64
CA ALA B 363 0.80 1.15 -27.88
C ALA B 363 0.77 2.48 -28.63
N ARG B 364 1.92 3.16 -28.65
CA ARG B 364 2.03 4.48 -29.27
C ARG B 364 2.93 4.48 -30.52
N GLY B 365 4.09 3.84 -30.42
CA GLY B 365 5.02 3.76 -31.55
C GLY B 365 6.49 3.57 -31.20
N ARG B 366 6.75 3.17 -29.96
CA ARG B 366 8.13 3.03 -29.48
C ARG B 366 8.48 1.58 -29.12
N PRO B 367 9.79 1.26 -29.11
CA PRO B 367 10.34 0.00 -28.62
C PRO B 367 9.57 -0.58 -27.43
N ASP B 368 9.27 -1.88 -27.51
CA ASP B 368 8.52 -2.57 -26.47
C ASP B 368 9.48 -3.09 -25.41
N VAL B 369 9.99 -2.18 -24.59
CA VAL B 369 10.91 -2.53 -23.51
C VAL B 369 10.64 -1.68 -22.26
N ALA B 370 10.22 -2.34 -21.19
CA ALA B 370 9.80 -1.65 -19.98
C ALA B 370 10.42 -2.21 -18.72
N ALA B 371 11.05 -1.34 -17.94
CA ALA B 371 11.51 -1.69 -16.60
C ALA B 371 10.30 -1.86 -15.68
N PHE B 372 10.45 -2.72 -14.67
CA PHE B 372 9.34 -3.06 -13.79
C PHE B 372 9.76 -3.24 -12.35
N ASP B 373 8.78 -3.15 -11.46
CA ASP B 373 8.98 -3.34 -10.03
C ASP B 373 8.44 -4.69 -9.60
N PHE B 374 9.34 -5.64 -9.32
CA PHE B 374 8.94 -6.96 -8.83
C PHE B 374 9.08 -7.07 -7.32
N THR B 375 9.05 -5.93 -6.63
CA THR B 375 9.33 -5.90 -5.19
C THR B 375 8.11 -6.25 -4.33
N SER B 376 7.06 -5.45 -4.43
CA SER B 376 5.92 -5.54 -3.52
C SER B 376 4.91 -6.62 -3.90
N MET B 377 4.31 -7.23 -2.89
CA MET B 377 3.29 -8.25 -3.08
C MET B 377 1.97 -7.80 -2.45
N MET B 378 1.08 -7.26 -3.29
CA MET B 378 -0.25 -6.85 -2.85
C MET B 378 -1.21 -8.02 -2.88
N ARG B 379 -2.05 -8.13 -1.85
CA ARG B 379 -3.24 -8.99 -1.87
C ARG B 379 -4.26 -8.52 -0.86
N ALA B 380 -5.53 -8.67 -1.19
CA ALA B 380 -6.61 -8.20 -0.32
C ALA B 380 -6.79 -9.13 0.87
N GLU B 381 -7.13 -8.53 2.01
CA GLU B 381 -7.39 -9.28 3.24
C GLU B 381 -8.56 -10.23 3.05
N SER B 382 -9.46 -9.85 2.13
CA SER B 382 -10.66 -10.63 1.81
C SER B 382 -10.93 -10.65 0.30
N SER B 383 -11.59 -11.70 -0.16
CA SER B 383 -11.89 -11.87 -1.58
C SER B 383 -13.28 -11.37 -2.01
N ALA B 384 -14.19 -11.24 -1.04
CA ALA B 384 -15.54 -10.76 -1.30
C ALA B 384 -16.10 -9.95 -0.15
N ARG B 385 -17.22 -9.26 -0.40
CA ARG B 385 -17.89 -8.44 0.60
C ARG B 385 -19.38 -8.33 0.29
N VAL B 386 -20.16 -7.89 1.28
CA VAL B 386 -21.54 -7.49 1.04
C VAL B 386 -21.77 -6.09 1.59
N GLN B 387 -22.39 -5.24 0.79
CA GLN B 387 -22.81 -3.89 1.22
C GLN B 387 -24.32 -3.78 1.12
N GLU B 388 -24.98 -3.78 2.28
CA GLU B 388 -26.43 -3.71 2.35
C GLU B 388 -26.88 -2.31 2.77
N LYS B 389 -27.87 -1.79 2.06
CA LYS B 389 -28.50 -0.51 2.40
C LYS B 389 -29.89 -0.40 1.78
N HIS B 390 -30.87 -0.02 2.61
CA HIS B 390 -32.29 0.09 2.23
C HIS B 390 -32.88 -1.18 1.65
N GLY B 391 -32.36 -2.33 2.08
CA GLY B 391 -32.77 -3.62 1.55
C GLY B 391 -31.88 -4.10 0.42
N ALA B 392 -31.55 -3.19 -0.50
CA ALA B 392 -30.70 -3.50 -1.64
C ALA B 392 -29.36 -4.06 -1.21
N ARG B 393 -29.12 -5.33 -1.57
CA ARG B 393 -27.89 -6.02 -1.22
C ARG B 393 -26.92 -6.06 -2.39
N LEU B 394 -25.72 -5.53 -2.17
CA LEU B 394 -24.67 -5.58 -3.16
C LEU B 394 -23.58 -6.55 -2.75
N LEU B 395 -23.44 -7.63 -3.51
CA LEU B 395 -22.29 -8.50 -3.40
C LEU B 395 -21.13 -7.82 -4.12
N LEU B 396 -19.96 -7.80 -3.48
CA LEU B 396 -18.75 -7.24 -4.07
C LEU B 396 -17.65 -8.29 -4.09
N GLY B 397 -17.16 -8.62 -5.29
CA GLY B 397 -16.13 -9.64 -5.44
C GLY B 397 -14.90 -9.17 -6.19
N LEU B 398 -13.74 -9.63 -5.74
CA LEU B 398 -12.45 -9.34 -6.39
C LEU B 398 -11.95 -10.53 -7.17
N VAL B 399 -11.47 -10.27 -8.39
CA VAL B 399 -10.97 -11.31 -9.29
C VAL B 399 -9.74 -10.80 -10.04
N GLY B 400 -8.71 -11.64 -10.11
CA GLY B 400 -7.54 -11.36 -10.93
C GLY B 400 -6.38 -10.75 -10.15
N ASP B 401 -5.67 -9.83 -10.80
CA ASP B 401 -4.51 -9.17 -10.21
C ASP B 401 -4.87 -8.22 -9.07
N CYS B 402 -6.14 -7.84 -8.98
CA CYS B 402 -6.58 -6.95 -7.91
C CYS B 402 -6.95 -7.70 -6.64
N LEU B 403 -6.95 -9.03 -6.74
CA LEU B 403 -7.14 -9.89 -5.59
C LEU B 403 -5.77 -10.28 -5.02
N VAL B 404 -4.99 -10.99 -5.82
CA VAL B 404 -3.61 -11.30 -5.49
C VAL B 404 -2.70 -10.86 -6.63
N GLU B 405 -1.59 -10.23 -6.29
CA GLU B 405 -0.65 -9.74 -7.28
C GLU B 405 0.39 -10.82 -7.61
N PRO B 406 0.37 -11.34 -8.85
CA PRO B 406 1.22 -12.45 -9.26
C PRO B 406 2.70 -12.07 -9.38
N PHE B 407 3.57 -13.04 -9.13
CA PHE B 407 4.99 -12.89 -9.41
C PHE B 407 5.20 -13.45 -10.82
N TRP B 408 5.58 -12.57 -11.74
CA TRP B 408 5.56 -12.91 -13.17
C TRP B 408 6.40 -14.14 -13.59
N PRO B 409 7.66 -14.25 -13.10
CA PRO B 409 8.45 -15.47 -13.38
C PRO B 409 7.76 -16.78 -12.98
N LEU B 410 6.96 -16.74 -11.92
CA LEU B 410 6.19 -17.91 -11.46
C LEU B 410 5.14 -18.38 -12.47
N GLY B 411 4.61 -17.44 -13.26
CA GLY B 411 3.65 -17.73 -14.31
C GLY B 411 2.29 -18.16 -13.79
N THR B 412 1.93 -17.62 -12.63
CA THR B 412 0.72 -18.02 -11.92
C THR B 412 -0.41 -16.99 -12.05
N GLY B 413 -0.21 -15.99 -12.91
CA GLY B 413 -1.13 -14.86 -13.04
C GLY B 413 -2.52 -15.19 -13.56
N VAL B 414 -2.57 -15.73 -14.78
CA VAL B 414 -3.82 -16.09 -15.44
C VAL B 414 -4.47 -17.25 -14.70
N ALA B 415 -3.67 -18.24 -14.35
CA ALA B 415 -4.13 -19.44 -13.63
C ALA B 415 -4.90 -19.12 -12.35
N ARG B 416 -4.34 -18.26 -11.51
CA ARG B 416 -4.98 -17.91 -10.24
C ARG B 416 -6.11 -16.89 -10.41
N GLY B 417 -6.02 -16.09 -11.46
CA GLY B 417 -7.12 -15.19 -11.82
C GLY B 417 -8.34 -15.98 -12.28
N PHE B 418 -8.09 -17.09 -12.98
CA PHE B 418 -9.14 -17.95 -13.51
C PHE B 418 -9.84 -18.78 -12.44
N LEU B 419 -9.10 -19.15 -11.40
CA LEU B 419 -9.71 -19.83 -10.25
C LEU B 419 -10.56 -18.84 -9.47
N ALA B 420 -10.00 -17.66 -9.22
CA ALA B 420 -10.72 -16.54 -8.61
C ALA B 420 -11.91 -16.14 -9.47
N ALA B 421 -11.82 -16.44 -10.77
CA ALA B 421 -12.92 -16.22 -11.68
C ALA B 421 -14.03 -17.27 -11.49
N PHE B 422 -13.63 -18.51 -11.19
CA PHE B 422 -14.62 -19.56 -10.94
C PHE B 422 -15.21 -19.41 -9.54
N ASP B 423 -14.34 -19.23 -8.56
CA ASP B 423 -14.73 -19.13 -7.15
C ASP B 423 -15.72 -18.01 -6.90
N ALA B 424 -15.53 -16.88 -7.58
CA ALA B 424 -16.46 -15.76 -7.49
C ALA B 424 -17.80 -16.11 -8.14
N ALA B 425 -17.74 -16.75 -9.31
CA ALA B 425 -18.94 -17.14 -10.03
C ALA B 425 -19.76 -18.16 -9.24
N TRP B 426 -19.07 -19.11 -8.61
CA TRP B 426 -19.71 -20.09 -7.73
C TRP B 426 -20.38 -19.39 -6.54
N MET B 427 -19.74 -18.35 -6.04
CA MET B 427 -20.29 -17.53 -4.96
C MET B 427 -21.63 -16.91 -5.36
N VAL B 428 -21.70 -16.40 -6.58
CA VAL B 428 -22.91 -15.77 -7.11
C VAL B 428 -24.02 -16.82 -7.29
N LYS B 429 -23.65 -18.01 -7.75
CA LYS B 429 -24.58 -19.13 -7.88
C LYS B 429 -25.24 -19.38 -6.53
N ARG B 430 -24.41 -19.47 -5.49
CA ARG B 430 -24.86 -19.62 -4.11
C ARG B 430 -25.70 -18.43 -3.69
N TRP B 431 -25.17 -17.22 -3.89
CA TRP B 431 -25.87 -15.96 -3.64
C TRP B 431 -27.27 -15.94 -4.27
N ALA B 432 -27.34 -16.37 -5.53
CA ALA B 432 -28.59 -16.44 -6.28
C ALA B 432 -29.64 -17.32 -5.59
N GLU B 433 -29.20 -18.46 -5.04
CA GLU B 433 -30.08 -19.37 -4.30
C GLU B 433 -30.71 -18.71 -3.07
N GLY B 434 -30.28 -17.49 -2.76
CA GLY B 434 -30.66 -16.80 -1.54
C GLY B 434 -29.95 -17.41 -0.34
N ALA B 435 -28.70 -17.80 -0.55
CA ALA B 435 -27.92 -18.54 0.45
C ALA B 435 -27.75 -17.78 1.77
N GLY B 436 -27.37 -16.52 1.70
CA GLY B 436 -27.28 -15.67 2.89
C GLY B 436 -25.94 -15.00 3.08
N PRO B 437 -25.94 -13.65 3.14
CA PRO B 437 -24.77 -12.80 3.28
C PRO B 437 -23.63 -13.46 4.06
N LEU B 438 -23.86 -13.73 5.33
CA LEU B 438 -22.83 -14.31 6.21
C LEU B 438 -22.22 -15.62 5.69
N GLU B 439 -23.07 -16.52 5.18
CA GLU B 439 -22.60 -17.85 4.77
C GLU B 439 -22.02 -17.93 3.35
N VAL B 440 -22.48 -17.09 2.43
CA VAL B 440 -21.85 -17.03 1.11
C VAL B 440 -20.43 -16.50 1.23
N LEU B 441 -20.26 -15.43 2.02
CA LEU B 441 -18.95 -14.85 2.27
C LEU B 441 -18.02 -15.86 2.93
N ALA B 442 -18.54 -16.61 3.89
CA ALA B 442 -17.78 -17.65 4.58
C ALA B 442 -17.25 -18.71 3.62
N GLU B 443 -18.10 -19.12 2.67
CA GLU B 443 -17.71 -20.06 1.63
C GLU B 443 -16.58 -19.49 0.78
N ARG B 444 -16.83 -18.33 0.19
CA ARG B 444 -15.86 -17.66 -0.67
C ARG B 444 -14.49 -17.60 0.00
N GLU B 445 -14.46 -17.09 1.24
CA GLU B 445 -13.22 -16.89 1.97
C GLU B 445 -12.47 -18.19 2.23
N SER B 446 -13.22 -19.27 2.42
CA SER B 446 -12.64 -20.60 2.64
C SER B 446 -11.88 -21.09 1.43
N LEU B 447 -12.31 -20.64 0.25
CA LEU B 447 -11.60 -20.96 -1.00
C LEU B 447 -10.39 -20.06 -1.18
N TYR B 448 -10.53 -18.79 -0.77
CA TYR B 448 -9.46 -17.80 -0.90
C TYR B 448 -8.19 -18.20 -0.16
N GLN B 449 -8.35 -18.85 1.00
CA GLN B 449 -7.23 -19.38 1.77
C GLN B 449 -6.35 -20.36 0.99
N LEU B 450 -6.86 -20.88 -0.12
CA LEU B 450 -6.12 -21.83 -0.94
C LEU B 450 -5.35 -21.18 -2.09
N LEU B 451 -5.86 -20.05 -2.57
CA LEU B 451 -5.42 -19.45 -3.84
C LEU B 451 -3.92 -19.21 -3.95
N SER B 452 -3.35 -18.52 -2.96
CA SER B 452 -1.93 -18.14 -3.00
C SER B 452 -0.98 -19.34 -2.96
N GLN B 453 -1.50 -20.48 -2.51
CA GLN B 453 -0.69 -21.69 -2.33
C GLN B 453 -0.89 -22.74 -3.42
N THR B 454 -1.77 -22.45 -4.38
CA THR B 454 -2.12 -23.43 -5.42
C THR B 454 -1.01 -23.69 -6.43
N SER B 455 -1.04 -24.89 -7.00
CA SER B 455 -0.12 -25.32 -8.04
C SER B 455 -0.81 -26.46 -8.79
N PRO B 456 -0.38 -26.71 -10.06
CA PRO B 456 -0.92 -27.86 -10.79
C PRO B 456 -0.81 -29.16 -9.99
N GLU B 457 0.13 -29.20 -9.05
CA GLU B 457 0.44 -30.39 -8.27
C GLU B 457 -0.55 -30.63 -7.14
N ASN B 458 -0.84 -29.58 -6.37
CA ASN B 458 -1.77 -29.69 -5.24
C ASN B 458 -3.24 -29.68 -5.64
N MET B 459 -3.50 -29.55 -6.93
CA MET B 459 -4.87 -29.58 -7.47
C MET B 459 -5.19 -30.85 -8.24
N HIS B 460 -6.48 -31.05 -8.55
CA HIS B 460 -6.96 -32.27 -9.22
C HIS B 460 -6.31 -32.53 -10.57
N ARG B 461 -6.01 -33.80 -10.82
CA ARG B 461 -5.33 -34.24 -12.04
C ARG B 461 -6.21 -34.11 -13.29
N ASN B 462 -7.50 -34.42 -13.14
CA ASN B 462 -8.42 -34.38 -14.27
C ASN B 462 -8.89 -32.96 -14.56
N VAL B 463 -8.07 -32.23 -15.30
CA VAL B 463 -8.39 -30.85 -15.72
C VAL B 463 -9.52 -30.83 -16.75
N ALA B 464 -9.78 -31.99 -17.34
CA ALA B 464 -10.85 -32.17 -18.32
C ALA B 464 -12.22 -31.75 -17.80
N GLN B 465 -12.51 -32.06 -16.53
CA GLN B 465 -13.81 -31.76 -15.95
C GLN B 465 -13.75 -30.73 -14.81
N TYR B 466 -12.85 -29.76 -14.97
CA TYR B 466 -12.85 -28.59 -14.11
C TYR B 466 -14.08 -27.73 -14.40
N GLY B 467 -14.89 -27.51 -13.38
CA GLY B 467 -16.07 -26.66 -13.50
C GLY B 467 -16.14 -25.67 -12.35
N LEU B 468 -17.29 -25.02 -12.20
CA LEU B 468 -17.48 -24.02 -11.14
C LEU B 468 -17.41 -24.61 -9.74
N ASP B 469 -17.95 -25.82 -9.57
CA ASP B 469 -17.92 -26.53 -8.30
C ASP B 469 -16.46 -26.70 -7.87
N PRO B 470 -16.09 -26.09 -6.72
CA PRO B 470 -14.71 -26.13 -6.25
C PRO B 470 -14.22 -27.54 -5.95
N ALA B 471 -15.14 -28.50 -5.85
CA ALA B 471 -14.81 -29.89 -5.64
C ALA B 471 -14.19 -30.53 -6.89
N THR B 472 -14.44 -29.91 -8.05
CA THR B 472 -13.90 -30.39 -9.32
C THR B 472 -12.42 -30.03 -9.49
N ARG B 473 -11.99 -29.01 -8.75
CA ARG B 473 -10.65 -28.44 -8.92
C ARG B 473 -9.76 -28.66 -7.70
N TYR B 474 -10.16 -28.08 -6.56
CA TYR B 474 -9.43 -28.23 -5.31
C TYR B 474 -9.70 -29.59 -4.68
N PRO B 475 -8.65 -30.42 -4.47
CA PRO B 475 -8.82 -31.71 -3.82
C PRO B 475 -9.00 -31.57 -2.31
N ASN B 476 -9.59 -32.60 -1.70
CA ASN B 476 -9.85 -32.63 -0.25
C ASN B 476 -10.38 -31.29 0.27
N LEU B 477 -11.55 -30.93 -0.23
CA LEU B 477 -12.14 -29.62 -0.02
C LEU B 477 -12.71 -29.44 1.38
N ASN B 478 -12.49 -28.26 1.94
CA ASN B 478 -13.10 -27.86 3.21
C ASN B 478 -13.79 -26.50 3.06
N LEU B 479 -15.09 -26.52 2.79
CA LEU B 479 -15.88 -25.30 2.60
C LEU B 479 -16.33 -24.67 3.92
N ARG B 480 -15.99 -25.32 5.03
CA ARG B 480 -16.27 -24.79 6.36
C ARG B 480 -14.98 -24.33 7.07
N ALA B 481 -13.96 -24.02 6.27
CA ALA B 481 -12.68 -23.53 6.78
C ALA B 481 -12.81 -22.20 7.52
N VAL B 482 -13.78 -21.39 7.10
CA VAL B 482 -14.11 -20.14 7.78
C VAL B 482 -15.60 -20.14 8.14
N THR B 483 -15.89 -20.11 9.44
CA THR B 483 -17.26 -19.98 9.93
C THR B 483 -17.73 -18.54 9.74
N PRO B 484 -19.04 -18.33 9.44
CA PRO B 484 -19.60 -17.02 9.14
C PRO B 484 -19.38 -15.95 10.22
N ASN B 485 -18.96 -16.37 11.41
CA ASN B 485 -18.67 -15.48 12.52
C ASN B 485 -17.46 -14.60 12.23
N GLN B 486 -16.48 -15.19 11.55
CA GLN B 486 -15.22 -14.52 11.23
C GLN B 486 -15.36 -13.46 10.14
N VAL B 487 -16.45 -13.52 9.36
CA VAL B 487 -16.67 -12.58 8.26
C VAL B 487 -17.71 -11.50 8.56
N GLN B 488 -17.93 -11.23 9.84
CA GLN B 488 -18.88 -10.18 10.26
C GLN B 488 -18.43 -8.79 9.85
N ASP B 489 -17.13 -8.57 9.83
CA ASP B 489 -16.54 -7.29 9.40
C ASP B 489 -16.66 -7.07 7.88
N LEU B 490 -17.01 -8.12 7.15
CA LEU B 490 -17.11 -8.06 5.69
C LEU B 490 -18.51 -7.70 5.21
N TYR B 491 -19.50 -7.98 6.04
CA TYR B 491 -20.91 -7.72 5.73
C TYR B 491 -21.30 -6.33 6.26
N ASP B 492 -20.98 -5.31 5.47
CA ASP B 492 -21.30 -3.94 5.81
C ASP B 492 -22.81 -3.72 5.74
N MET B 493 -23.44 -3.58 6.91
CA MET B 493 -24.87 -3.29 7.00
C MET B 493 -25.09 -1.80 7.23
N MET B 494 -24.97 -1.02 6.15
CA MET B 494 -25.03 0.45 6.22
C MET B 494 -26.25 1.05 6.92
N ASP B 495 -27.36 0.32 6.93
CA ASP B 495 -28.56 0.77 7.65
C ASP B 495 -29.16 -0.34 8.50
PA FAD C . 7.19 11.74 12.18
O1A FAD C . 7.00 12.97 13.03
O2A FAD C . 6.71 11.97 10.76
O5B FAD C . 8.74 11.32 12.23
C5B FAD C . 9.37 10.72 11.12
C4B FAD C . 10.76 11.31 10.99
O4B FAD C . 11.71 10.36 10.57
C3B FAD C . 10.79 12.46 10.01
O3B FAD C . 11.27 13.55 10.75
C2B FAD C . 11.80 12.10 8.93
O2B FAD C . 12.78 13.07 8.73
C1B FAD C . 12.39 10.79 9.41
N9A FAD C . 12.62 9.76 8.37
C8A FAD C . 11.74 9.21 7.48
N7A FAD C . 12.42 8.30 6.73
C5A FAD C . 13.72 8.27 7.16
C6A FAD C . 14.83 7.54 6.77
N6A FAD C . 14.75 6.65 5.78
N1A FAD C . 16.03 7.74 7.41
C2A FAD C . 16.13 8.66 8.44
N3A FAD C . 15.02 9.38 8.81
C4A FAD C . 13.84 9.19 8.19
N1 FAD C . -1.47 13.65 16.70
C2 FAD C . -2.05 13.99 17.92
O2 FAD C . -1.77 13.35 18.93
N3 FAD C . -2.96 15.03 17.99
C4 FAD C . -3.28 15.74 16.85
O4 FAD C . -4.10 16.67 16.94
C4X FAD C . -2.69 15.41 15.63
N5 FAD C . -3.00 16.11 14.48
C5X FAD C . -2.04 16.14 13.47
C6 FAD C . -2.00 17.19 12.56
C7 FAD C . -1.01 17.20 11.56
C7M FAD C . -0.99 18.35 10.59
C8 FAD C . -0.08 16.16 11.48
C8M FAD C . 1.00 16.13 10.43
C9 FAD C . -0.15 15.12 12.40
C9A FAD C . -1.12 15.10 13.40
N10 FAD C . -1.18 14.06 14.34
C10 FAD C . -1.78 14.36 15.56
C1' FAD C . -0.20 12.91 14.24
C2' FAD C . 1.24 13.21 14.66
O2' FAD C . 1.68 14.43 14.11
C3' FAD C . 2.22 12.15 14.19
O3' FAD C . 1.63 10.88 14.34
C4' FAD C . 3.52 12.22 14.97
O4' FAD C . 4.40 13.14 14.34
C5' FAD C . 4.18 10.85 15.08
O5' FAD C . 5.58 10.97 15.19
P FAD C . 6.53 9.99 14.33
O1P FAD C . 7.95 10.10 14.85
O2P FAD C . 6.07 8.56 14.38
O3P FAD C . 6.37 10.51 12.82
CL CL D . 15.19 23.86 13.61
PA FAD E . -5.56 -6.62 -16.07
O1A FAD E . -5.05 -7.44 -17.22
O2A FAD E . -4.55 -5.54 -15.71
O5B FAD E . -7.01 -6.02 -16.44
C5B FAD E . -7.46 -4.79 -15.91
C4B FAD E . -8.24 -4.05 -17.00
O4B FAD E . -9.30 -3.29 -16.46
C3B FAD E . -7.35 -3.12 -17.77
O3B FAD E . -7.52 -3.54 -19.09
C2B FAD E . -7.92 -1.72 -17.60
O2B FAD E . -8.13 -1.02 -18.81
C1B FAD E . -9.21 -1.93 -16.82
N9A FAD E . -9.42 -1.04 -15.67
C8A FAD E . -8.57 -0.80 -14.63
N7A FAD E . -9.16 0.07 -13.79
C5A FAD E . -10.39 0.39 -14.26
C6A FAD E . -11.41 1.23 -13.81
N6A FAD E . -11.24 1.90 -12.67
N1A FAD E . -12.58 1.35 -14.53
C2A FAD E . -12.73 0.65 -15.71
N3A FAD E . -11.71 -0.18 -16.17
C4A FAD E . -10.57 -0.31 -15.45
N1 FAD E . 0.64 -14.22 -15.84
N1 FAD E . 2.17 -10.82 -16.25
C2 FAD E . 0.69 -15.56 -16.19
C2 FAD E . 2.93 -11.86 -16.76
O2 FAD E . -0.28 -16.29 -16.01
O2 FAD E . 2.91 -12.95 -16.18
N3 FAD E . 1.83 -16.10 -16.75
N3 FAD E . 3.72 -11.65 -17.89
C4 FAD E . 2.94 -15.30 -16.97
C4 FAD E . 3.74 -10.41 -18.51
O4 FAD E . 3.96 -15.78 -17.45
O4 FAD E . 4.46 -10.27 -19.51
C4X FAD E . 2.90 -13.96 -16.61
C4X FAD E . 2.96 -9.35 -18.00
N5 FAD E . 4.00 -13.15 -16.82
N5 FAD E . 2.95 -8.10 -18.59
C5X FAD E . 3.77 -11.80 -17.00
C5X FAD E . 2.18 -7.06 -18.08
C6 FAD E . 4.66 -11.03 -17.74
C6 FAD E . 2.18 -5.81 -18.68
C7 FAD E . 4.41 -9.66 -17.92
C7 FAD E . 1.43 -4.76 -18.16
C7M FAD E . 5.37 -8.83 -18.71
C7M FAD E . 1.84 -3.35 -18.52
C8 FAD E . 3.26 -9.09 -17.39
C8 FAD E . 0.63 -4.98 -17.03
C8M FAD E . 2.95 -7.63 -17.58
C8M FAD E . -0.27 -3.92 -16.48
C9 FAD E . 2.36 -9.87 -16.66
C9 FAD E . 0.62 -6.24 -16.42
C9A FAD E . 2.60 -11.24 -16.46
C9A FAD E . 1.39 -7.28 -16.94
N10 FAD E . 1.72 -12.05 -15.74
N10 FAD E . 1.38 -8.53 -16.34
C10 FAD E . 1.74 -13.41 -16.05
C10 FAD E . 2.17 -9.56 -16.86
C1' FAD E . 0.50 -11.43 -15.09
C1' FAD E . 0.15 -8.91 -15.56
C2' FAD E . -0.61 -11.01 -16.05
C2' FAD E . -0.79 -9.73 -16.45
O2' FAD E . -0.39 -9.68 -16.46
O2' FAD E . -1.37 -8.86 -17.40
C3' FAD E . -1.97 -11.06 -15.37
C3' FAD E . -1.83 -10.50 -15.64
O3' FAD E . -2.18 -12.34 -14.80
O3' FAD E . -1.18 -11.65 -15.12
C4' FAD E . -3.15 -10.73 -16.28
C4' FAD E . -3.09 -10.94 -16.41
O4' FAD E . -2.74 -10.43 -17.60
O4' FAD E . -3.32 -10.10 -17.52
C5' FAD E . -3.86 -9.50 -15.73
C5' FAD E . -4.33 -10.88 -15.54
O5' FAD E . -4.92 -9.88 -14.88
O5' FAD E . -4.91 -9.60 -15.68
P FAD E . -6.29 -9.05 -14.81
P FAD E . -6.18 -9.08 -14.83
O1P FAD E . -7.12 -9.32 -16.03
O1P FAD E . -7.45 -9.52 -15.52
O2P FAD E . -7.06 -9.37 -13.55
O2P FAD E . -6.15 -9.54 -13.41
O3P FAD E . -5.86 -7.50 -14.76
CL CL F . -6.51 -3.99 -30.24
#